data_8XYO
#
_entry.id   8XYO
#
_cell.length_a   1.00
_cell.length_b   1.00
_cell.length_c   1.00
_cell.angle_alpha   90.00
_cell.angle_beta   90.00
_cell.angle_gamma   90.00
#
_symmetry.space_group_name_H-M   'P 1'
#
loop_
_entity.id
_entity.type
_entity.pdbx_description
1 polymer 'Angiotensin-converting enzyme 2'
2 polymer 'Spike glycoprotein'
3 non-polymer 2-acetamido-2-deoxy-beta-D-glucopyranose
4 non-polymer 'ZINC ION'
#
loop_
_entity_poly.entity_id
_entity_poly.type
_entity_poly.pdbx_seq_one_letter_code
_entity_poly.pdbx_strand_id
1 'polypeptide(L)'
;STIEEQAKTFLDKFNHEAEDLFYQSSLASWNYNTNITEENVQNMNNAGDKWSAFLKEQSTLAQMYPLQEIQNLTVKLQLQ
ALQQNGSSVLSEDKSKRLNTILNTMSTIYSTGKVCNPDNPQECLLLEPGLNEIMANSLDYNERLWAWESWRSEVGKQLRP
LYEEYVVLKNEMARANHYEDYGDYWRGDYEVNGVDGYDYSRGQLIEDVEHTFEEIKPLYEHLHAYVRAKLMNAYPSYISP
IGCLPAHLLGDMWGRFWTNLYSLTVPFGQKPNIDVTDAMVDQAWDAQRIFKEAEKFFVSVGLPNMTQGFWENSMLTDPGN
VQKAVCHPTAWDLGKGDFRILMCTKVTMDDFLTAHHEMGHIQYDMAYAAQPFLLRNGANEGFHEAVGEIMSLSAATPKHL
KSIGLLSPDFQEDNETEINFLLKQALTIVGTLPFTYMLEKWRWMVFKGEIPKDQWMKKWWEMKREIVGVVEPVPHDETYC
DPASLFHVSNDYSFIRYYTRTLYQFQFQEALCQAAKHEGPLHKCDISNSTEAGQKLFNMLRLGKSEPWTLALENVVGAKN
MNVRPLLNYFEPLFTWLKDQNKNSFVGWSTDWSPYADHHHHHH
;
A
2 'polypeptide(L)'
;MFVFLVLLPLVSSQCVNLTTRTQLPPAYTNSSTRGVYYPDKVFRSSVLHLTQDLFLPFFSNVTWFHALHVSGTNGIKRFD
NPVLPFNDGVYFASTEKSNIIRGWIFGTTLDSKTQSLLIVNNATNVVIKVCEFQFCNDPFLGVYYHKNNKSWMESEFRVY
SSANNCTFEYVSQPFLIDLEGKQGNFKNLREFVFKNIDGYFKIYSKHTPINLVRDLPPGFSALEPLVDLPIGINITRFQT
LLALHRSYLTPGDSSSGWTAGAAAYYVGYLQPRTFLLKYNENGTITDAVDCALDPLSETKCTLKSFTVEKGIYQTSNFRV
QPTQSIVRFPNITNLCPFGEVFNATRFASVYAWNRKRISNCVADYSVLYNSTSFSTFKCYGVSPTKLNDLCFTNVYADSF
VIRGDEVRQIAPGQTGKIADYNYKLPDDFTGCVIAWNSNNLDSKVGGNYNYLYRLFRKSNLKPFERDISTEIYQAGSTPC
NGVEGLNCYFPLQSYGFHPTYGVGYQPYRVVVLSFELLNAPATVCGPKKSTNLIKNKCVNFNFNGLTGTGVLTQSNKKFL
PFQQFGRDIADTTDAVRDPQTLEILDITPCSFGGVSVITPGTNASNQVAVLYQDVNCTEVPVAIHADQLTPTWRVYSTGS
NVFQTRAGCLIGAEHVNNSYECDIPIGAGICASYQTQTNSRSVASQSIIAYTMSLGAENSVAYSNNSIAIPTNFTISVTT
EILPVSMTKTSVDCTMYICGDSTECSNLLLQYGSFCTQLNRALTGIAVEQDKNTQEVFAQVKQIYKTPPIKDFGGFNFSQ
ILPDPSKPSKRSPIEDLLFNKVTLADAGFIKQYGDCLGDIAARDLICAQKFNGLTVLPPLLTDEMIAQYTSALLAGTITS
GWTFGAGPALQIPFPMQMAYRFNGIGVTQNVLYENQKLIANQFNSAIGKIQDSLSSTPSALGKLQDVVNQNAQALNTLVK
QLSSNFGAISSVLNDILSRLDPPEAEVQIDRLITGRLQSLQTYVTQQLIRAAEIRASANLAATKMSECVLGQSKRVDFCG
KGYHLMSFPQSAPHGVVFLHVTYIPSQEKNFTTAPAICHDGKAHFPREGVFVSNGTHWFITQRNFYEPQIITTDNTFVSG
NCDVVIGIVNNTVYDPLQPELDSFKEELDKYFKNHTSPDIDLGDISGINASVVNIQKEIDRLNEVARNLNESLIDLQELG
KYEQYIKWPWGGGSGGGSGYIPEAPRDGQAYVRKDGEWVLLSTFLGGGSAWSHPQFEK
;
B
#
loop_
_chem_comp.id
_chem_comp.type
_chem_comp.name
_chem_comp.formula
NAG D-saccharide, beta linking 2-acetamido-2-deoxy-beta-D-glucopyranose 'C8 H15 N O6'
ZN non-polymer 'ZINC ION' 'Zn 2'
#
# COMPACT_ATOMS: atom_id res chain seq x y z
N SER A 1 11.13 -35.53 -2.36
CA SER A 1 10.18 -34.94 -1.43
C SER A 1 10.88 -34.38 -0.20
N THR A 2 11.61 -33.29 -0.39
CA THR A 2 12.31 -32.63 0.70
C THR A 2 11.42 -31.55 1.31
N ILE A 3 12.01 -30.70 2.15
CA ILE A 3 11.25 -29.64 2.81
C ILE A 3 10.72 -28.64 1.79
N GLU A 4 11.38 -28.51 0.64
CA GLU A 4 11.01 -27.50 -0.34
C GLU A 4 9.59 -27.69 -0.86
N GLU A 5 9.27 -28.91 -1.31
CA GLU A 5 7.96 -29.16 -1.90
C GLU A 5 6.86 -29.06 -0.84
N GLN A 6 7.13 -29.56 0.36
CA GLN A 6 6.16 -29.44 1.44
C GLN A 6 5.86 -27.98 1.76
N ALA A 7 6.91 -27.14 1.80
CA ALA A 7 6.72 -25.72 2.04
C ALA A 7 5.90 -25.08 0.92
N LYS A 8 6.17 -25.47 -0.33
CA LYS A 8 5.41 -24.89 -1.45
C LYS A 8 3.94 -25.23 -1.35
N THR A 9 3.61 -26.50 -1.05
CA THR A 9 2.21 -26.89 -0.91
C THR A 9 1.54 -26.14 0.24
N PHE A 10 2.25 -26.03 1.37
CA PHE A 10 1.72 -25.31 2.52
C PHE A 10 1.42 -23.86 2.15
N LEU A 11 2.33 -23.22 1.42
CA LEU A 11 2.13 -21.83 1.04
C LEU A 11 0.97 -21.67 0.06
N ASP A 12 0.77 -22.63 -0.84
CA ASP A 12 -0.38 -22.56 -1.75
C ASP A 12 -1.69 -22.57 -0.98
N LYS A 13 -1.85 -23.57 -0.10
CA LYS A 13 -3.11 -23.66 0.64
C LYS A 13 -3.31 -22.44 1.55
N PHE A 14 -2.23 -21.99 2.19
CA PHE A 14 -2.32 -20.79 3.02
C PHE A 14 -2.73 -19.59 2.19
N ASN A 15 -2.18 -19.44 0.99
CA ASN A 15 -2.52 -18.30 0.16
C ASN A 15 -3.99 -18.31 -0.18
N HIS A 16 -4.54 -19.47 -0.53
N HIS A 16 -4.53 -19.47 -0.55
CA HIS A 16 -5.94 -19.53 -0.91
CA HIS A 16 -5.95 -19.57 -0.89
C HIS A 16 -6.85 -19.19 0.28
C HIS A 16 -6.84 -19.19 0.28
N GLU A 17 -6.64 -19.84 1.43
CA GLU A 17 -7.49 -19.58 2.59
C GLU A 17 -7.35 -18.14 3.08
N ALA A 18 -6.11 -17.63 3.11
CA ALA A 18 -5.86 -16.28 3.58
C ALA A 18 -6.50 -15.25 2.67
N GLU A 19 -6.41 -15.45 1.35
CA GLU A 19 -7.04 -14.52 0.43
C GLU A 19 -8.55 -14.50 0.62
N ASP A 20 -9.15 -15.68 0.79
CA ASP A 20 -10.59 -15.71 1.04
C ASP A 20 -10.96 -14.91 2.29
N LEU A 21 -10.31 -15.23 3.42
CA LEU A 21 -10.68 -14.60 4.68
C LEU A 21 -10.37 -13.11 4.66
N PHE A 22 -9.29 -12.70 3.99
CA PHE A 22 -8.94 -11.29 3.91
C PHE A 22 -9.97 -10.51 3.12
N TYR A 23 -10.46 -11.06 2.01
CA TYR A 23 -11.51 -10.36 1.29
C TYR A 23 -12.76 -10.21 2.16
N GLN A 24 -13.13 -11.26 2.88
CA GLN A 24 -14.32 -11.16 3.73
C GLN A 24 -14.16 -10.08 4.78
N SER A 25 -13.01 -10.06 5.46
CA SER A 25 -12.79 -9.07 6.51
C SER A 25 -12.75 -7.65 5.95
N SER A 26 -12.10 -7.46 4.80
CA SER A 26 -12.03 -6.12 4.21
C SER A 26 -13.40 -5.63 3.79
N LEU A 27 -14.25 -6.52 3.26
CA LEU A 27 -15.61 -6.13 2.90
C LEU A 27 -16.40 -5.70 4.14
N ALA A 28 -16.24 -6.45 5.25
CA ALA A 28 -16.93 -6.06 6.47
C ALA A 28 -16.46 -4.69 6.96
N SER A 29 -15.15 -4.44 6.91
CA SER A 29 -14.62 -3.15 7.35
C SER A 29 -15.12 -2.01 6.47
N TRP A 30 -15.16 -2.23 5.15
CA TRP A 30 -15.69 -1.21 4.25
C TRP A 30 -17.15 -0.91 4.54
N ASN A 31 -17.95 -1.95 4.76
CA ASN A 31 -19.36 -1.72 5.08
C ASN A 31 -19.51 -0.92 6.37
N TYR A 32 -18.67 -1.19 7.36
CA TYR A 32 -18.74 -0.41 8.60
C TYR A 32 -18.33 1.04 8.36
N ASN A 33 -17.28 1.26 7.56
CA ASN A 33 -16.80 2.62 7.37
C ASN A 33 -17.75 3.47 6.54
N THR A 34 -18.42 2.87 5.56
CA THR A 34 -19.37 3.63 4.74
C THR A 34 -20.60 4.02 5.55
N ASN A 35 -21.13 3.10 6.36
CA ASN A 35 -22.30 3.36 7.19
C ASN A 35 -22.04 2.87 8.61
N ILE A 36 -22.28 3.74 9.58
CA ILE A 36 -21.92 3.48 10.98
C ILE A 36 -23.17 3.02 11.72
N THR A 37 -23.24 1.72 12.00
CA THR A 37 -24.29 1.12 12.80
C THR A 37 -23.68 0.06 13.70
N GLU A 38 -24.43 -0.34 14.72
CA GLU A 38 -23.93 -1.36 15.66
C GLU A 38 -23.76 -2.71 14.97
N GLU A 39 -24.68 -3.08 14.08
CA GLU A 39 -24.58 -4.34 13.37
C GLU A 39 -23.30 -4.41 12.54
N ASN A 40 -22.93 -3.30 11.91
CA ASN A 40 -21.69 -3.26 11.15
C ASN A 40 -20.48 -3.48 12.05
N VAL A 41 -20.52 -2.91 13.26
CA VAL A 41 -19.43 -3.12 14.22
C VAL A 41 -19.34 -4.59 14.59
N GLN A 42 -20.49 -5.24 14.81
CA GLN A 42 -20.47 -6.66 15.17
C GLN A 42 -19.89 -7.51 14.04
N ASN A 43 -20.30 -7.24 12.80
CA ASN A 43 -19.75 -8.00 11.68
C ASN A 43 -18.25 -7.77 11.53
N MET A 44 -17.81 -6.52 11.71
CA MET A 44 -16.39 -6.22 11.65
C MET A 44 -15.61 -7.01 12.69
N ASN A 45 -16.12 -7.05 13.93
CA ASN A 45 -15.44 -7.78 14.98
C ASN A 45 -15.36 -9.28 14.67
N ASN A 46 -16.45 -9.85 14.17
CA ASN A 46 -16.45 -11.27 13.83
C ASN A 46 -15.40 -11.58 12.76
N ALA A 47 -15.41 -10.82 11.67
CA ALA A 47 -14.45 -11.06 10.60
C ALA A 47 -13.01 -10.89 11.09
N GLY A 48 -12.76 -9.86 11.89
CA GLY A 48 -11.42 -9.63 12.38
C GLY A 48 -10.91 -10.75 13.28
N ASP A 49 -11.77 -11.23 14.19
CA ASP A 49 -11.32 -12.31 15.08
C ASP A 49 -11.06 -13.60 14.29
N LYS A 50 -11.91 -13.89 13.29
CA LYS A 50 -11.63 -15.06 12.47
C LYS A 50 -10.29 -14.95 11.75
N TRP A 51 -10.01 -13.79 11.17
CA TRP A 51 -8.75 -13.59 10.46
C TRP A 51 -7.56 -13.73 11.40
N SER A 52 -7.65 -13.14 12.60
CA SER A 52 -6.54 -13.22 13.55
C SER A 52 -6.29 -14.65 14.00
N ALA A 53 -7.35 -15.40 14.30
CA ALA A 53 -7.17 -16.79 14.71
C ALA A 53 -6.54 -17.61 13.60
N PHE A 54 -6.98 -17.40 12.35
CA PHE A 54 -6.39 -18.12 11.23
C PHE A 54 -4.90 -17.81 11.11
N LEU A 55 -4.53 -16.54 11.23
CA LEU A 55 -3.11 -16.18 11.12
C LEU A 55 -2.29 -16.83 12.24
N LYS A 56 -2.82 -16.84 13.46
CA LYS A 56 -2.09 -17.45 14.57
C LYS A 56 -1.86 -18.94 14.34
N GLU A 57 -2.90 -19.66 13.94
CA GLU A 57 -2.75 -21.09 13.68
C GLU A 57 -1.77 -21.35 12.55
N GLN A 58 -1.85 -20.53 11.48
CA GLN A 58 -0.95 -20.75 10.35
C GLN A 58 0.50 -20.48 10.72
N SER A 59 0.77 -19.46 11.53
CA SER A 59 2.14 -19.23 11.99
C SER A 59 2.63 -20.40 12.83
N THR A 60 1.79 -20.91 13.74
CA THR A 60 2.18 -22.06 14.55
C THR A 60 2.53 -23.25 13.67
N LEU A 61 1.75 -23.51 12.62
CA LEU A 61 2.10 -24.59 11.71
C LEU A 61 3.39 -24.30 10.96
N ALA A 62 3.56 -23.08 10.46
CA ALA A 62 4.70 -22.76 9.60
C ALA A 62 6.02 -22.77 10.35
N GLN A 63 5.99 -22.70 11.68
CA GLN A 63 7.25 -22.75 12.42
C GLN A 63 7.98 -24.09 12.28
N MET A 64 7.31 -25.12 11.74
CA MET A 64 7.94 -26.43 11.64
C MET A 64 9.13 -26.42 10.68
N TYR A 65 8.98 -25.76 9.54
CA TYR A 65 10.00 -25.87 8.49
C TYR A 65 11.27 -25.12 8.93
N PRO A 66 12.41 -25.79 8.96
CA PRO A 66 13.59 -25.19 9.61
C PRO A 66 14.13 -23.94 8.93
N LEU A 67 13.77 -23.69 7.67
CA LEU A 67 14.18 -22.53 6.87
C LEU A 67 15.63 -22.61 6.41
N GLN A 68 16.39 -23.60 6.86
CA GLN A 68 17.76 -23.76 6.42
C GLN A 68 17.88 -24.66 5.20
N GLU A 69 16.91 -25.54 4.98
CA GLU A 69 16.91 -26.44 3.84
C GLU A 69 16.27 -25.85 2.60
N ILE A 70 15.90 -24.58 2.64
CA ILE A 70 15.22 -23.92 1.52
C ILE A 70 16.26 -23.18 0.69
N GLN A 71 16.33 -23.50 -0.59
CA GLN A 71 17.25 -22.83 -1.50
C GLN A 71 16.62 -21.68 -2.25
N ASN A 72 15.31 -21.71 -2.45
CA ASN A 72 14.62 -20.66 -3.17
C ASN A 72 14.36 -19.46 -2.27
N LEU A 73 14.59 -18.26 -2.81
CA LEU A 73 14.48 -17.05 -2.01
C LEU A 73 13.02 -16.64 -1.77
N THR A 74 12.14 -16.86 -2.75
CA THR A 74 10.75 -16.46 -2.59
C THR A 74 10.07 -17.23 -1.46
N VAL A 75 10.25 -18.55 -1.46
CA VAL A 75 9.69 -19.39 -0.40
C VAL A 75 10.26 -18.98 0.95
N LYS A 76 11.56 -18.69 0.99
CA LYS A 76 12.19 -18.32 2.24
C LYS A 76 11.64 -17.01 2.77
N LEU A 77 11.42 -16.03 1.88
CA LEU A 77 10.83 -14.76 2.32
C LEU A 77 9.42 -14.96 2.83
N GLN A 78 8.60 -15.74 2.12
CA GLN A 78 7.23 -15.95 2.56
C GLN A 78 7.18 -16.63 3.92
N LEU A 79 7.98 -17.69 4.10
CA LEU A 79 7.99 -18.39 5.37
C LEU A 79 8.52 -17.51 6.49
N GLN A 80 9.58 -16.74 6.22
CA GLN A 80 10.11 -15.84 7.24
C GLN A 80 9.08 -14.81 7.65
N ALA A 81 8.30 -14.30 6.69
CA ALA A 81 7.20 -13.41 7.03
C ALA A 81 6.16 -14.12 7.87
N LEU A 82 5.92 -15.41 7.59
CA LEU A 82 4.90 -16.16 8.30
C LEU A 82 5.36 -16.71 9.64
N GLN A 83 6.66 -16.95 9.82
CA GLN A 83 7.16 -17.59 11.03
C GLN A 83 7.32 -16.66 12.21
N GLN A 84 7.15 -15.35 12.02
CA GLN A 84 7.39 -14.40 13.10
C GLN A 84 6.43 -14.65 14.24
N ASN A 85 6.98 -14.92 15.43
CA ASN A 85 6.14 -15.26 16.58
C ASN A 85 5.35 -14.07 17.07
N GLY A 86 5.99 -12.92 17.21
CA GLY A 86 5.30 -11.75 17.73
C GLY A 86 5.34 -11.72 19.23
N SER A 87 4.20 -11.39 19.84
CA SER A 87 4.11 -11.28 21.29
C SER A 87 3.73 -12.60 21.95
N SER A 88 3.59 -13.68 21.18
CA SER A 88 3.24 -14.97 21.74
C SER A 88 4.37 -15.60 22.54
N VAL A 89 5.59 -15.09 22.42
CA VAL A 89 6.73 -15.66 23.13
C VAL A 89 6.64 -15.45 24.63
N LEU A 90 5.84 -14.49 25.08
CA LEU A 90 5.73 -14.20 26.50
C LEU A 90 4.74 -15.15 27.17
N SER A 91 4.71 -15.08 28.50
CA SER A 91 3.73 -15.84 29.28
C SER A 91 2.36 -15.18 29.17
N GLU A 92 1.36 -15.82 29.79
CA GLU A 92 0.00 -15.30 29.71
C GLU A 92 -0.14 -13.99 30.49
N ASP A 93 0.34 -13.96 31.73
CA ASP A 93 0.19 -12.76 32.55
C ASP A 93 0.97 -11.58 31.97
N LYS A 94 2.18 -11.84 31.47
CA LYS A 94 2.97 -10.76 30.90
C LYS A 94 2.31 -10.18 29.65
N SER A 95 1.78 -11.05 28.78
CA SER A 95 1.10 -10.56 27.59
C SER A 95 -0.15 -9.77 27.95
N LYS A 96 -0.92 -10.26 28.93
CA LYS A 96 -2.10 -9.54 29.36
C LYS A 96 -1.74 -8.17 29.92
N ARG A 97 -0.67 -8.10 30.71
CA ARG A 97 -0.25 -6.82 31.28
C ARG A 97 0.22 -5.86 30.19
N LEU A 98 0.95 -6.36 29.20
CA LEU A 98 1.38 -5.50 28.10
C LEU A 98 0.19 -4.96 27.33
N ASN A 99 -0.80 -5.81 27.05
CA ASN A 99 -1.98 -5.37 26.34
C ASN A 99 -2.74 -4.32 27.15
N THR A 100 -2.86 -4.52 28.46
CA THR A 100 -3.54 -3.56 29.31
C THR A 100 -2.80 -2.22 29.31
N ILE A 101 -1.47 -2.26 29.37
CA ILE A 101 -0.69 -1.02 29.37
C ILE A 101 -0.89 -0.27 28.06
N LEU A 102 -0.84 -0.99 26.94
CA LEU A 102 -1.03 -0.33 25.64
C LEU A 102 -2.42 0.28 25.55
N ASN A 103 -3.44 -0.46 25.97
CA ASN A 103 -4.81 0.04 25.89
C ASN A 103 -5.01 1.25 26.79
N THR A 104 -4.46 1.21 28.01
CA THR A 104 -4.66 2.33 28.93
C THR A 104 -3.92 3.57 28.44
N MET A 105 -2.74 3.41 27.85
CA MET A 105 -2.05 4.56 27.26
C MET A 105 -2.86 5.15 26.11
N SER A 106 -3.40 4.30 25.23
CA SER A 106 -4.20 4.81 24.13
C SER A 106 -5.42 5.56 24.62
N THR A 107 -6.15 5.00 25.58
CA THR A 107 -7.36 5.64 26.08
C THR A 107 -7.03 6.94 26.80
N ILE A 108 -5.96 6.96 27.60
CA ILE A 108 -5.64 8.16 28.36
C ILE A 108 -5.15 9.27 27.43
N TYR A 109 -4.54 8.90 26.30
CA TYR A 109 -4.16 9.93 25.34
C TYR A 109 -5.36 10.47 24.58
N SER A 110 -6.26 9.59 24.15
CA SER A 110 -7.35 10.01 23.28
C SER A 110 -8.30 10.98 23.98
N THR A 111 -8.62 10.72 25.24
CA THR A 111 -9.59 11.50 26.00
C THR A 111 -8.91 12.54 26.90
N GLY A 112 -8.29 13.55 26.31
CA GLY A 112 -7.62 14.58 27.08
C GLY A 112 -8.58 15.55 27.75
N LEU A 130 -7.18 22.06 21.56
CA LEU A 130 -6.00 22.89 21.76
C LEU A 130 -5.18 22.96 20.48
N ASN A 131 -5.78 22.55 19.37
CA ASN A 131 -5.13 22.61 18.07
C ASN A 131 -5.43 23.93 17.35
N GLU A 132 -6.31 24.75 17.92
CA GLU A 132 -6.56 26.10 17.43
C GLU A 132 -5.91 27.17 18.30
N ILE A 133 -5.73 26.87 19.59
CA ILE A 133 -4.98 27.77 20.46
C ILE A 133 -3.50 27.76 20.08
N MET A 134 -3.08 26.76 19.32
CA MET A 134 -1.69 26.61 18.93
C MET A 134 -1.42 26.88 17.46
N ALA A 135 -2.46 26.99 16.65
CA ALA A 135 -2.30 27.26 15.23
C ALA A 135 -2.73 28.65 14.81
N ASN A 136 -3.67 29.26 15.54
CA ASN A 136 -4.23 30.56 15.17
C ASN A 136 -4.14 31.57 16.29
N SER A 137 -3.11 31.49 17.14
CA SER A 137 -2.97 32.39 18.27
C SER A 137 -1.61 33.08 18.24
N LEU A 138 -1.60 34.36 18.61
CA LEU A 138 -0.38 35.14 18.70
C LEU A 138 -0.10 35.62 20.11
N ASP A 139 -0.73 35.03 21.12
CA ASP A 139 -0.53 35.40 22.50
C ASP A 139 0.46 34.44 23.15
N TYR A 140 1.58 34.98 23.63
CA TYR A 140 2.64 34.16 24.22
C TYR A 140 2.15 33.41 25.45
N ASN A 141 1.46 34.11 26.36
CA ASN A 141 1.04 33.51 27.61
C ASN A 141 0.04 32.40 27.39
N GLU A 142 -0.91 32.60 26.47
CA GLU A 142 -1.94 31.59 26.22
C GLU A 142 -1.33 30.32 25.68
N ARG A 143 -0.41 30.45 24.72
CA ARG A 143 0.25 29.29 24.15
C ARG A 143 1.10 28.57 25.20
N LEU A 144 1.81 29.32 26.04
CA LEU A 144 2.58 28.68 27.10
C LEU A 144 1.66 27.92 28.05
N TRP A 145 0.51 28.50 28.38
CA TRP A 145 -0.42 27.82 29.29
C TRP A 145 -0.92 26.52 28.68
N ALA A 146 -1.30 26.54 27.40
CA ALA A 146 -1.77 25.33 26.76
C ALA A 146 -0.67 24.26 26.74
N TRP A 147 0.54 24.67 26.37
CA TRP A 147 1.67 23.75 26.31
C TRP A 147 1.91 23.06 27.65
N GLU A 148 2.06 23.86 28.69
CA GLU A 148 2.37 23.31 30.01
C GLU A 148 1.21 22.48 30.56
N SER A 149 -0.03 22.93 30.36
CA SER A 149 -1.17 22.19 30.87
C SER A 149 -1.27 20.82 30.20
N TRP A 150 -1.12 20.76 28.87
CA TRP A 150 -1.21 19.49 28.19
C TRP A 150 -0.11 18.54 28.65
N ARG A 151 1.13 19.04 28.72
CA ARG A 151 2.21 18.15 29.11
C ARG A 151 2.07 17.68 30.56
N SER A 152 1.69 18.59 31.47
CA SER A 152 1.54 18.23 32.88
C SER A 152 0.42 17.23 33.09
N GLU A 153 -0.70 17.38 32.38
CA GLU A 153 -1.83 16.49 32.58
C GLU A 153 -1.88 15.32 31.60
N VAL A 154 -0.84 15.10 30.80
CA VAL A 154 -0.71 13.87 30.03
C VAL A 154 0.54 13.07 30.43
N GLY A 155 1.74 13.69 30.30
CA GLY A 155 2.96 12.94 30.53
C GLY A 155 3.11 12.46 31.95
N LYS A 156 2.67 13.27 32.92
CA LYS A 156 2.79 12.89 34.32
C LYS A 156 1.94 11.69 34.66
N GLN A 157 1.01 11.32 33.78
CA GLN A 157 0.20 10.11 33.93
C GLN A 157 0.68 8.98 33.02
N LEU A 158 1.31 9.30 31.90
CA LEU A 158 1.81 8.26 31.00
C LEU A 158 3.21 7.77 31.34
N ARG A 159 3.90 8.40 32.28
CA ARG A 159 5.29 8.02 32.56
C ARG A 159 5.46 6.59 33.06
N PRO A 160 4.81 6.14 34.14
CA PRO A 160 5.07 4.77 34.62
C PRO A 160 4.67 3.70 33.63
N LEU A 161 3.59 3.94 32.89
CA LEU A 161 3.17 2.99 31.87
C LEU A 161 4.24 2.82 30.81
N TYR A 162 4.86 3.91 30.38
CA TYR A 162 5.96 3.81 29.43
C TYR A 162 7.16 3.10 30.04
N GLU A 163 7.41 3.34 31.33
CA GLU A 163 8.54 2.69 31.98
C GLU A 163 8.39 1.18 31.98
N GLU A 164 7.17 0.68 32.22
CA GLU A 164 6.96 -0.78 32.17
C GLU A 164 6.89 -1.28 30.74
N TYR A 165 6.34 -0.46 29.83
CA TYR A 165 6.25 -0.81 28.42
C TYR A 165 7.62 -1.09 27.83
N VAL A 166 8.62 -0.26 28.17
CA VAL A 166 9.95 -0.43 27.60
C VAL A 166 10.53 -1.78 27.97
N VAL A 167 10.44 -2.16 29.25
CA VAL A 167 11.07 -3.40 29.69
C VAL A 167 10.32 -4.61 29.15
N LEU A 168 8.98 -4.56 29.11
CA LEU A 168 8.25 -5.69 28.56
C LEU A 168 8.56 -5.88 27.08
N LYS A 169 8.64 -4.79 26.32
CA LYS A 169 8.93 -4.91 24.89
C LYS A 169 10.36 -5.35 24.66
N ASN A 170 11.31 -4.94 25.51
CA ASN A 170 12.67 -5.46 25.41
C ASN A 170 12.70 -6.96 25.67
N GLU A 171 11.94 -7.43 26.66
CA GLU A 171 11.87 -8.86 26.91
C GLU A 171 11.34 -9.61 25.70
N MET A 172 10.27 -9.07 25.09
CA MET A 172 9.74 -9.67 23.86
C MET A 172 10.80 -9.73 22.77
N ALA A 173 11.50 -8.62 22.55
CA ALA A 173 12.49 -8.57 21.47
C ALA A 173 13.64 -9.54 21.71
N ARG A 174 14.13 -9.61 22.94
CA ARG A 174 15.24 -10.50 23.25
C ARG A 174 14.83 -11.96 23.12
N ALA A 175 13.57 -12.27 23.46
CA ALA A 175 13.09 -13.63 23.27
C ALA A 175 13.02 -14.02 21.79
N ASN A 176 12.99 -13.05 20.89
CA ASN A 176 12.95 -13.32 19.45
C ASN A 176 14.33 -13.20 18.79
N HIS A 177 15.41 -13.41 19.54
CA HIS A 177 16.76 -13.37 19.01
C HIS A 177 17.09 -12.01 18.40
N TYR A 178 16.63 -10.96 19.08
CA TYR A 178 16.94 -9.58 18.73
C TYR A 178 17.63 -8.94 19.92
N GLU A 179 18.48 -7.96 19.64
CA GLU A 179 19.21 -7.28 20.71
C GLU A 179 18.25 -6.48 21.59
N ASP A 180 17.42 -5.65 20.97
CA ASP A 180 16.47 -4.80 21.69
C ASP A 180 15.30 -4.52 20.77
N TYR A 181 14.35 -3.72 21.26
CA TYR A 181 13.14 -3.45 20.48
C TYR A 181 13.41 -2.47 19.34
N GLY A 182 14.40 -1.57 19.51
CA GLY A 182 14.81 -0.73 18.40
C GLY A 182 15.36 -1.53 17.24
N ASP A 183 16.12 -2.59 17.54
CA ASP A 183 16.57 -3.50 16.50
C ASP A 183 15.39 -4.22 15.86
N TYR A 184 14.39 -4.57 16.66
CA TYR A 184 13.16 -5.15 16.14
C TYR A 184 12.51 -4.21 15.13
N TRP A 185 12.58 -2.90 15.39
CA TRP A 185 12.04 -1.93 14.43
C TRP A 185 12.92 -1.81 13.19
N ARG A 186 14.24 -1.76 13.37
CA ARG A 186 15.14 -1.65 12.22
C ARG A 186 15.11 -2.89 11.34
N GLY A 187 14.61 -4.01 11.85
CA GLY A 187 14.56 -5.24 11.06
C GLY A 187 13.84 -5.13 9.73
N ASP A 188 13.10 -4.05 9.50
CA ASP A 188 12.39 -3.89 8.23
C ASP A 188 13.37 -3.73 7.07
N TYR A 189 14.45 -3.00 7.28
CA TYR A 189 15.38 -2.65 6.21
C TYR A 189 16.47 -3.68 5.98
N GLU A 190 16.42 -4.82 6.67
CA GLU A 190 17.50 -5.80 6.59
C GLU A 190 17.33 -6.69 5.35
N VAL A 191 18.42 -6.84 4.60
CA VAL A 191 18.48 -7.73 3.43
C VAL A 191 19.67 -8.63 3.59
N ASN A 192 19.45 -9.94 3.56
CA ASN A 192 20.53 -10.91 3.68
C ASN A 192 20.31 -12.04 2.70
N GLY A 193 21.41 -12.67 2.28
CA GLY A 193 21.37 -13.77 1.35
C GLY A 193 21.60 -13.40 -0.09
N VAL A 194 21.66 -12.11 -0.41
CA VAL A 194 21.86 -11.64 -1.78
C VAL A 194 23.19 -10.92 -1.87
N ASP A 195 24.01 -11.30 -2.84
CA ASP A 195 25.34 -10.72 -2.98
C ASP A 195 25.26 -9.34 -3.61
N GLY A 196 25.89 -8.36 -2.95
CA GLY A 196 25.94 -7.01 -3.44
C GLY A 196 24.79 -6.12 -3.00
N TYR A 197 23.70 -6.70 -2.52
CA TYR A 197 22.53 -5.94 -2.10
C TYR A 197 22.22 -6.11 -0.62
N ASP A 198 23.19 -6.58 0.15
CA ASP A 198 22.98 -6.81 1.58
C ASP A 198 22.82 -5.47 2.31
N TYR A 199 22.09 -5.51 3.42
CA TYR A 199 21.89 -4.33 4.24
C TYR A 199 21.71 -4.77 5.69
N SER A 200 22.67 -4.44 6.54
CA SER A 200 22.61 -4.81 7.93
C SER A 200 21.65 -3.90 8.69
N ARG A 201 21.32 -4.31 9.92
CA ARG A 201 20.39 -3.54 10.73
C ARG A 201 21.04 -2.30 11.31
N GLY A 202 22.35 -2.35 11.56
CA GLY A 202 23.07 -1.22 12.12
C GLY A 202 23.59 -0.20 11.12
N GLN A 203 23.49 -0.48 9.82
CA GLN A 203 23.92 0.48 8.83
C GLN A 203 22.93 1.61 8.65
N LEU A 204 21.68 1.41 9.07
CA LEU A 204 20.67 2.46 8.96
C LEU A 204 21.05 3.68 9.79
N ILE A 205 21.64 3.45 10.97
CA ILE A 205 22.09 4.57 11.80
C ILE A 205 23.13 5.39 11.07
N GLU A 206 24.13 4.72 10.47
CA GLU A 206 25.19 5.44 9.78
C GLU A 206 24.63 6.21 8.59
N ASP A 207 23.73 5.60 7.83
CA ASP A 207 23.14 6.30 6.69
C ASP A 207 22.36 7.53 7.15
N VAL A 208 21.56 7.39 8.20
CA VAL A 208 20.76 8.52 8.69
C VAL A 208 21.66 9.65 9.16
N GLU A 209 22.71 9.32 9.90
CA GLU A 209 23.59 10.35 10.43
C GLU A 209 24.35 11.07 9.32
N HIS A 210 24.84 10.33 8.32
CA HIS A 210 25.49 10.97 7.18
C HIS A 210 24.54 11.90 6.45
N THR A 211 23.31 11.45 6.22
CA THR A 211 22.33 12.29 5.53
C THR A 211 22.03 13.56 6.32
N PHE A 212 21.89 13.44 7.64
CA PHE A 212 21.58 14.63 8.44
C PHE A 212 22.75 15.60 8.46
N GLU A 213 23.98 15.09 8.51
CA GLU A 213 25.14 15.97 8.44
C GLU A 213 25.19 16.70 7.10
N GLU A 214 24.73 16.07 6.02
CA GLU A 214 24.59 16.83 4.79
C GLU A 214 23.45 17.85 4.85
N ILE A 215 22.36 17.53 5.54
CA ILE A 215 21.20 18.43 5.60
C ILE A 215 21.49 19.70 6.38
N LYS A 216 22.27 19.62 7.46
CA LYS A 216 22.29 20.66 8.50
C LYS A 216 22.35 22.11 8.03
N PRO A 217 23.26 22.52 7.12
CA PRO A 217 23.38 23.96 6.83
C PRO A 217 22.11 24.62 6.31
N LEU A 218 21.35 23.93 5.46
CA LEU A 218 20.09 24.49 4.99
C LEU A 218 19.13 24.72 6.16
N TYR A 219 19.07 23.77 7.09
CA TYR A 219 18.24 23.95 8.27
C TYR A 219 18.72 25.12 9.10
N GLU A 220 20.04 25.32 9.18
CA GLU A 220 20.57 26.45 9.94
C GLU A 220 20.10 27.77 9.34
N HIS A 221 20.17 27.89 8.02
CA HIS A 221 19.75 29.14 7.38
C HIS A 221 18.25 29.36 7.51
N LEU A 222 17.45 28.30 7.34
CA LEU A 222 16.01 28.43 7.52
C LEU A 222 15.67 28.81 8.96
N HIS A 223 16.36 28.21 9.92
CA HIS A 223 16.17 28.54 11.33
C HIS A 223 16.50 30.00 11.60
N ALA A 224 17.58 30.51 11.00
CA ALA A 224 17.95 31.92 11.18
C ALA A 224 16.87 32.83 10.62
N TYR A 225 16.36 32.52 9.43
CA TYR A 225 15.30 33.34 8.82
C TYR A 225 14.05 33.35 9.70
N VAL A 226 13.63 32.17 10.16
CA VAL A 226 12.43 32.08 10.98
C VAL A 226 12.61 32.82 12.29
N ARG A 227 13.80 32.72 12.89
CA ARG A 227 14.06 33.44 14.13
C ARG A 227 13.99 34.94 13.92
N ALA A 228 14.56 35.43 12.81
CA ALA A 228 14.50 36.86 12.51
C ALA A 228 13.06 37.33 12.36
N LYS A 229 12.22 36.56 11.67
CA LYS A 229 10.83 36.96 11.52
C LYS A 229 10.07 36.89 12.85
N LEU A 230 10.33 35.87 13.66
CA LEU A 230 9.61 35.73 14.92
C LEU A 230 10.03 36.80 15.92
N MET A 231 11.23 37.36 15.79
CA MET A 231 11.60 38.48 16.63
C MET A 231 10.67 39.66 16.41
N ASN A 232 10.36 39.95 15.14
CA ASN A 232 9.33 40.95 14.85
C ASN A 232 7.97 40.50 15.39
N ALA A 233 7.64 39.22 15.23
CA ALA A 233 6.34 38.74 15.69
C ALA A 233 6.20 38.88 17.20
N TYR A 234 7.21 38.46 17.96
CA TYR A 234 7.17 38.50 19.42
C TYR A 234 8.38 39.28 19.94
N PRO A 235 8.23 40.57 20.21
CA PRO A 235 9.37 41.33 20.76
C PRO A 235 9.68 40.94 22.20
N SER A 236 10.94 41.12 22.57
CA SER A 236 11.41 40.92 23.94
C SER A 236 11.20 39.49 24.44
N TYR A 237 11.21 38.53 23.52
CA TYR A 237 11.07 37.13 23.88
C TYR A 237 12.02 36.19 23.15
N ILE A 238 12.73 36.66 22.13
CA ILE A 238 13.65 35.83 21.36
C ILE A 238 15.01 36.52 21.33
N SER A 239 16.07 35.76 21.60
CA SER A 239 17.45 36.20 21.54
C SER A 239 18.01 35.98 20.14
N PRO A 240 18.74 36.97 19.60
CA PRO A 240 19.25 36.82 18.22
C PRO A 240 20.26 35.71 18.06
N ILE A 241 20.88 35.25 19.15
CA ILE A 241 21.87 34.18 19.11
C ILE A 241 21.38 32.90 19.77
N GLY A 242 20.16 32.90 20.31
CA GLY A 242 19.65 31.77 21.05
C GLY A 242 18.79 30.85 20.21
N CYS A 243 17.90 30.14 20.89
CA CYS A 243 17.04 29.15 20.27
C CYS A 243 15.61 29.68 20.13
N LEU A 244 14.73 28.85 19.58
CA LEU A 244 13.33 29.17 19.43
C LEU A 244 12.52 28.41 20.46
N PRO A 245 11.70 29.08 21.27
CA PRO A 245 10.88 28.37 22.24
C PRO A 245 9.91 27.42 21.57
N ALA A 246 9.58 26.33 22.28
CA ALA A 246 8.81 25.25 21.68
C ALA A 246 7.38 25.67 21.35
N HIS A 247 6.79 26.56 22.14
CA HIS A 247 5.38 26.89 21.99
C HIS A 247 5.12 27.92 20.89
N LEU A 248 6.15 28.40 20.20
CA LEU A 248 5.98 29.36 19.13
C LEU A 248 6.13 28.74 17.76
N LEU A 249 6.08 27.41 17.66
CA LEU A 249 6.38 26.73 16.41
C LEU A 249 5.15 26.43 15.55
N GLY A 250 3.96 26.81 16.01
CA GLY A 250 2.75 26.65 15.24
C GLY A 250 2.01 25.35 15.45
N ASP A 251 2.65 24.37 16.06
CA ASP A 251 2.02 23.10 16.42
C ASP A 251 2.18 22.86 17.90
N MET A 252 1.46 21.85 18.41
CA MET A 252 1.58 21.50 19.81
C MET A 252 2.96 20.93 20.11
N TRP A 253 3.59 20.27 19.13
CA TRP A 253 4.87 19.63 19.34
C TRP A 253 6.00 20.26 18.53
N GLY A 254 5.69 20.98 17.46
CA GLY A 254 6.71 21.48 16.57
C GLY A 254 7.06 20.56 15.43
N ARG A 255 6.21 19.58 15.14
CA ARG A 255 6.50 18.61 14.09
C ARG A 255 6.60 19.29 12.73
N PHE A 256 5.69 20.20 12.43
CA PHE A 256 5.71 20.95 11.18
C PHE A 256 5.73 22.45 11.49
N TRP A 257 6.24 23.22 10.53
CA TRP A 257 6.37 24.66 10.67
C TRP A 257 5.45 25.43 9.72
N THR A 258 4.42 24.76 9.18
CA THR A 258 3.62 25.37 8.13
C THR A 258 2.80 26.55 8.64
N ASN A 259 2.29 26.46 9.87
CA ASN A 259 1.43 27.51 10.41
C ASN A 259 2.16 28.83 10.60
N LEU A 260 3.48 28.85 10.53
CA LEU A 260 4.25 30.08 10.60
C LEU A 260 4.26 30.85 9.30
N TYR A 261 3.63 30.33 8.24
CA TYR A 261 3.74 30.98 6.92
C TYR A 261 3.18 32.39 6.96
N SER A 262 2.18 32.64 7.79
CA SER A 262 1.61 33.98 7.90
C SER A 262 2.60 34.98 8.47
N LEU A 263 3.52 34.55 9.33
CA LEU A 263 4.49 35.45 9.93
C LEU A 263 5.81 35.51 9.17
N THR A 264 6.11 34.52 8.33
CA THR A 264 7.41 34.40 7.71
C THR A 264 7.32 34.41 6.19
N VAL A 265 6.35 35.10 5.63
CA VAL A 265 6.21 35.18 4.18
C VAL A 265 7.22 36.20 3.64
N PRO A 266 7.99 35.85 2.60
CA PRO A 266 8.96 36.82 2.05
C PRO A 266 8.29 38.05 1.47
N PHE A 267 7.39 37.84 0.52
CA PHE A 267 6.71 38.92 -0.21
C PHE A 267 5.22 38.69 -0.09
N GLY A 268 4.58 39.39 0.85
CA GLY A 268 3.17 39.20 1.11
C GLY A 268 2.22 39.96 0.22
N GLN A 269 2.73 40.81 -0.67
CA GLN A 269 1.87 41.57 -1.55
C GLN A 269 1.44 40.80 -2.79
N LYS A 270 2.08 39.68 -3.09
CA LYS A 270 1.70 38.85 -4.23
C LYS A 270 0.93 37.63 -3.75
N PRO A 271 -0.34 37.48 -4.14
CA PRO A 271 -1.10 36.30 -3.71
C PRO A 271 -0.58 35.04 -4.36
N ASN A 272 -0.72 33.93 -3.63
CA ASN A 272 -0.25 32.64 -4.10
C ASN A 272 -1.28 32.03 -5.06
N ILE A 273 -0.86 30.98 -5.77
CA ILE A 273 -1.70 30.35 -6.77
C ILE A 273 -2.76 29.49 -6.07
N ASP A 274 -4.01 29.71 -6.44
CA ASP A 274 -5.13 28.96 -5.88
C ASP A 274 -6.26 28.97 -6.89
N VAL A 275 -6.68 27.78 -7.34
CA VAL A 275 -7.57 27.67 -8.49
C VAL A 275 -8.93 27.10 -8.09
N THR A 276 -9.35 27.35 -6.86
CA THR A 276 -10.69 26.95 -6.45
C THR A 276 -11.75 27.73 -7.22
N ASP A 277 -11.52 29.02 -7.43
CA ASP A 277 -12.51 29.87 -8.09
C ASP A 277 -12.73 29.43 -9.53
N ALA A 278 -11.65 29.04 -10.23
CA ALA A 278 -11.80 28.53 -11.59
C ALA A 278 -12.59 27.23 -11.60
N MET A 279 -12.39 26.39 -10.59
CA MET A 279 -13.17 25.16 -10.47
C MET A 279 -14.66 25.47 -10.28
N VAL A 280 -14.98 26.45 -9.44
CA VAL A 280 -16.37 26.79 -9.19
C VAL A 280 -17.01 27.43 -10.42
N ASP A 281 -16.26 28.27 -11.13
CA ASP A 281 -16.82 28.98 -12.28
C ASP A 281 -17.00 28.09 -13.49
N GLN A 282 -16.32 26.95 -13.53
CA GLN A 282 -16.50 25.99 -14.61
C GLN A 282 -17.38 24.81 -14.23
N ALA A 283 -18.01 24.85 -13.07
CA ALA A 283 -18.91 23.79 -12.60
C ALA A 283 -18.19 22.44 -12.52
N TRP A 284 -17.19 22.39 -11.64
CA TRP A 284 -16.48 21.14 -11.42
C TRP A 284 -17.11 20.36 -10.27
N ASP A 285 -16.84 19.06 -10.26
CA ASP A 285 -17.35 18.16 -9.23
C ASP A 285 -16.33 17.06 -8.99
N ALA A 286 -16.66 16.15 -8.07
CA ALA A 286 -15.72 15.09 -7.71
C ALA A 286 -15.41 14.18 -8.89
N GLN A 287 -16.44 13.85 -9.68
CA GLN A 287 -16.25 12.99 -10.84
C GLN A 287 -15.25 13.60 -11.81
N ARG A 288 -15.38 14.90 -12.09
CA ARG A 288 -14.45 15.54 -13.02
C ARG A 288 -13.04 15.52 -12.47
N ILE A 289 -12.87 15.74 -11.16
CA ILE A 289 -11.55 15.68 -10.54
C ILE A 289 -10.92 14.31 -10.77
N PHE A 290 -11.70 13.25 -10.56
CA PHE A 290 -11.11 11.92 -10.65
C PHE A 290 -10.86 11.50 -12.09
N LYS A 291 -11.70 11.93 -13.04
CA LYS A 291 -11.36 11.67 -14.44
C LYS A 291 -10.13 12.45 -14.87
N GLU A 292 -9.91 13.66 -14.33
CA GLU A 292 -8.68 14.37 -14.63
C GLU A 292 -7.47 13.63 -14.10
N ALA A 293 -7.56 13.11 -12.87
CA ALA A 293 -6.46 12.32 -12.33
C ALA A 293 -6.20 11.07 -13.16
N GLU A 294 -7.27 10.39 -13.58
CA GLU A 294 -7.13 9.20 -14.41
C GLU A 294 -6.47 9.53 -15.73
N LYS A 295 -6.85 10.66 -16.35
CA LYS A 295 -6.24 11.06 -17.61
C LYS A 295 -4.76 11.37 -17.42
N PHE A 296 -4.40 11.98 -16.28
CA PHE A 296 -2.99 12.22 -15.98
C PHE A 296 -2.22 10.91 -15.94
N PHE A 297 -2.73 9.94 -15.16
CA PHE A 297 -2.01 8.68 -15.02
C PHE A 297 -1.92 7.93 -16.33
N VAL A 298 -2.97 8.02 -17.15
CA VAL A 298 -2.94 7.36 -18.46
C VAL A 298 -1.93 8.04 -19.38
N SER A 299 -1.86 9.37 -19.32
CA SER A 299 -0.88 10.10 -20.13
C SER A 299 0.54 9.71 -19.75
N VAL A 300 0.79 9.50 -18.45
CA VAL A 300 2.12 9.05 -18.03
C VAL A 300 2.46 7.72 -18.69
N GLY A 301 1.51 6.80 -18.75
CA GLY A 301 1.73 5.53 -19.42
C GLY A 301 1.13 4.35 -18.68
N LEU A 302 0.68 4.58 -17.45
CA LEU A 302 0.17 3.52 -16.60
C LEU A 302 -1.22 3.08 -17.04
N PRO A 303 -1.61 1.86 -16.67
CA PRO A 303 -2.92 1.34 -17.09
C PRO A 303 -4.08 2.12 -16.50
N ASN A 304 -5.20 2.09 -17.23
CA ASN A 304 -6.43 2.75 -16.82
C ASN A 304 -7.05 2.01 -15.65
N MET A 305 -8.09 2.61 -15.07
CA MET A 305 -8.78 2.04 -13.92
C MET A 305 -9.96 1.19 -14.37
N THR A 306 -10.52 0.44 -13.43
CA THR A 306 -11.54 -0.55 -13.72
C THR A 306 -12.94 0.00 -13.42
N GLN A 307 -13.95 -0.74 -13.89
CA GLN A 307 -15.34 -0.34 -13.66
C GLN A 307 -15.72 -0.47 -12.19
N GLY A 308 -15.14 -1.44 -11.49
CA GLY A 308 -15.42 -1.58 -10.08
C GLY A 308 -15.05 -0.36 -9.27
N PHE A 309 -13.96 0.31 -9.66
CA PHE A 309 -13.58 1.55 -8.99
C PHE A 309 -14.68 2.60 -9.08
N TRP A 310 -15.30 2.71 -10.26
CA TRP A 310 -16.34 3.71 -10.45
C TRP A 310 -17.65 3.31 -9.78
N GLU A 311 -18.00 2.02 -9.81
CA GLU A 311 -19.29 1.59 -9.29
C GLU A 311 -19.29 1.48 -7.78
N ASN A 312 -18.26 0.86 -7.21
CA ASN A 312 -18.28 0.43 -5.82
C ASN A 312 -17.67 1.44 -4.86
N SER A 313 -17.06 2.51 -5.35
CA SER A 313 -16.42 3.49 -4.48
C SER A 313 -17.31 4.71 -4.31
N MET A 314 -17.21 5.33 -3.13
CA MET A 314 -17.96 6.54 -2.84
C MET A 314 -17.02 7.73 -2.88
N LEU A 315 -17.41 8.76 -3.63
CA LEU A 315 -16.58 9.95 -3.81
C LEU A 315 -17.21 11.21 -3.26
N THR A 316 -18.44 11.14 -2.74
CA THR A 316 -19.12 12.27 -2.13
C THR A 316 -19.61 11.86 -0.73
N ASP A 317 -20.04 12.83 0.02
CA ASP A 317 -20.63 12.69 1.34
C ASP A 317 -22.07 12.23 1.24
N PRO A 318 -22.43 11.11 1.90
CA PRO A 318 -23.81 10.63 1.81
C PRO A 318 -24.86 11.64 2.26
N GLY A 319 -24.53 12.45 3.27
CA GLY A 319 -25.46 13.46 3.75
C GLY A 319 -25.57 13.48 5.26
N ASN A 320 -26.80 13.38 5.77
CA ASN A 320 -27.03 13.33 7.20
C ASN A 320 -27.67 12.04 7.69
N VAL A 321 -28.41 11.33 6.83
CA VAL A 321 -29.01 10.06 7.25
C VAL A 321 -27.93 9.02 7.50
N GLN A 322 -26.85 9.06 6.73
CA GLN A 322 -25.75 8.12 6.86
C GLN A 322 -24.50 8.84 7.36
N LYS A 323 -23.89 8.31 8.40
CA LYS A 323 -22.64 8.86 8.91
C LYS A 323 -21.47 8.00 8.46
N ALA A 324 -20.41 8.65 7.99
CA ALA A 324 -19.24 7.94 7.49
C ALA A 324 -17.98 8.67 7.93
N VAL A 325 -16.89 7.91 8.04
CA VAL A 325 -15.60 8.51 8.37
C VAL A 325 -15.08 9.27 7.15
N CYS A 326 -14.58 10.47 7.37
CA CYS A 326 -14.21 11.37 6.29
C CYS A 326 -12.74 11.31 5.93
N HIS A 327 -11.97 10.45 6.55
CA HIS A 327 -10.54 10.37 6.25
C HIS A 327 -10.33 9.78 4.86
N PRO A 328 -9.62 10.47 3.96
CA PRO A 328 -9.39 9.93 2.61
C PRO A 328 -8.48 8.71 2.66
N THR A 329 -8.98 7.59 2.13
CA THR A 329 -8.24 6.33 2.15
C THR A 329 -8.39 5.63 0.81
N ALA A 330 -7.40 4.80 0.48
CA ALA A 330 -7.42 3.96 -0.71
C ALA A 330 -7.44 2.51 -0.27
N TRP A 331 -8.43 1.76 -0.75
CA TRP A 331 -8.68 0.40 -0.31
C TRP A 331 -8.38 -0.59 -1.44
N ASP A 332 -7.58 -1.60 -1.14
CA ASP A 332 -7.42 -2.78 -1.96
C ASP A 332 -7.92 -4.00 -1.19
N LEU A 333 -9.07 -4.52 -1.59
CA LEU A 333 -9.74 -5.57 -0.83
C LEU A 333 -9.38 -6.96 -1.31
N GLY A 334 -8.49 -7.10 -2.28
CA GLY A 334 -8.19 -8.39 -2.85
C GLY A 334 -9.23 -8.79 -3.88
N LYS A 335 -8.93 -9.88 -4.59
CA LYS A 335 -9.80 -10.40 -5.64
C LYS A 335 -10.06 -9.36 -6.71
N GLY A 336 -9.09 -8.51 -6.98
CA GLY A 336 -9.25 -7.46 -7.97
C GLY A 336 -10.26 -6.40 -7.60
N ASP A 337 -10.25 -5.95 -6.35
CA ASP A 337 -11.19 -4.95 -5.86
C ASP A 337 -10.42 -3.75 -5.34
N PHE A 338 -10.61 -2.60 -5.98
CA PHE A 338 -9.97 -1.36 -5.59
C PHE A 338 -11.00 -0.26 -5.49
N ARG A 339 -10.85 0.62 -4.51
CA ARG A 339 -11.81 1.69 -4.29
C ARG A 339 -11.17 2.78 -3.45
N ILE A 340 -11.87 3.91 -3.34
CA ILE A 340 -11.39 5.08 -2.61
C ILE A 340 -12.53 5.62 -1.75
N LEU A 341 -12.23 5.90 -0.48
CA LEU A 341 -13.18 6.50 0.45
C LEU A 341 -12.73 7.93 0.73
N MET A 342 -13.45 8.90 0.19
CA MET A 342 -13.11 10.30 0.41
C MET A 342 -14.32 11.18 0.15
N CYS A 343 -14.56 12.12 1.05
CA CYS A 343 -15.62 13.11 0.89
C CYS A 343 -15.01 14.30 0.17
N THR A 344 -15.25 14.39 -1.13
CA THR A 344 -14.56 15.34 -2.00
C THR A 344 -15.32 16.65 -2.06
N LYS A 345 -14.68 17.72 -1.60
CA LYS A 345 -15.18 19.07 -1.83
C LYS A 345 -14.52 19.61 -3.10
N VAL A 346 -15.06 20.70 -3.64
CA VAL A 346 -14.49 21.28 -4.85
C VAL A 346 -13.51 22.37 -4.45
N THR A 347 -12.27 21.96 -4.18
CA THR A 347 -11.19 22.87 -3.80
C THR A 347 -9.92 22.40 -4.51
N MET A 348 -8.78 22.94 -4.10
CA MET A 348 -7.50 22.56 -4.67
C MET A 348 -6.77 21.52 -3.84
N ASP A 349 -6.98 21.51 -2.52
CA ASP A 349 -6.40 20.47 -1.69
C ASP A 349 -6.97 19.10 -2.03
N ASP A 350 -8.27 19.04 -2.32
CA ASP A 350 -8.89 17.77 -2.69
C ASP A 350 -8.35 17.26 -4.02
N PHE A 351 -8.00 18.17 -4.92
CA PHE A 351 -7.36 17.78 -6.18
C PHE A 351 -6.08 17.00 -5.92
N LEU A 352 -5.19 17.56 -5.09
CA LEU A 352 -3.93 16.91 -4.80
C LEU A 352 -4.13 15.63 -4.00
N THR A 353 -5.09 15.62 -3.09
CA THR A 353 -5.36 14.42 -2.31
C THR A 353 -5.88 13.30 -3.21
N ALA A 354 -6.73 13.63 -4.18
CA ALA A 354 -7.20 12.64 -5.14
C ALA A 354 -6.03 12.06 -5.94
N HIS A 355 -5.12 12.93 -6.37
CA HIS A 355 -3.93 12.44 -7.08
C HIS A 355 -3.12 11.49 -6.20
N HIS A 356 -2.92 11.86 -4.94
CA HIS A 356 -2.14 11.05 -4.00
C HIS A 356 -2.77 9.67 -3.82
N GLU A 357 -4.08 9.62 -3.58
CA GLU A 357 -4.72 8.34 -3.31
C GLU A 357 -4.84 7.50 -4.57
N MET A 358 -5.03 8.11 -5.74
CA MET A 358 -5.03 7.31 -6.96
C MET A 358 -3.63 6.76 -7.26
N GLY A 359 -2.59 7.50 -6.88
CA GLY A 359 -1.25 6.93 -6.97
C GLY A 359 -1.09 5.71 -6.06
N HIS A 360 -1.64 5.80 -4.86
CA HIS A 360 -1.66 4.63 -3.97
C HIS A 360 -2.36 3.45 -4.65
N ILE A 361 -3.51 3.70 -5.27
CA ILE A 361 -4.25 2.63 -5.93
C ILE A 361 -3.45 2.04 -7.08
N GLN A 362 -2.78 2.88 -7.87
CA GLN A 362 -1.98 2.38 -8.98
C GLN A 362 -0.83 1.51 -8.48
N TYR A 363 -0.17 1.93 -7.41
CA TYR A 363 0.89 1.12 -6.82
C TYR A 363 0.33 -0.22 -6.36
N ASP A 364 -0.87 -0.23 -5.76
CA ASP A 364 -1.48 -1.48 -5.34
C ASP A 364 -1.80 -2.38 -6.53
N MET A 365 -2.34 -1.81 -7.61
CA MET A 365 -2.62 -2.58 -8.81
C MET A 365 -1.37 -3.14 -9.45
N ALA A 366 -0.22 -2.51 -9.25
CA ALA A 366 1.00 -2.96 -9.91
C ALA A 366 1.37 -4.38 -9.51
N TYR A 367 1.30 -4.71 -8.22
CA TYR A 367 1.78 -5.99 -7.72
C TYR A 367 0.66 -6.96 -7.35
N ALA A 368 -0.46 -6.90 -8.08
CA ALA A 368 -1.55 -7.82 -7.81
C ALA A 368 -1.22 -9.26 -8.21
N ALA A 369 -0.18 -9.45 -9.02
CA ALA A 369 0.20 -10.78 -9.48
C ALA A 369 1.15 -11.51 -8.53
N GLN A 370 1.62 -10.85 -7.48
CA GLN A 370 2.54 -11.47 -6.54
C GLN A 370 1.79 -12.29 -5.50
N PRO A 371 2.48 -13.23 -4.85
CA PRO A 371 1.83 -14.00 -3.78
C PRO A 371 1.36 -13.10 -2.65
N PHE A 372 0.46 -13.66 -1.83
CA PHE A 372 -0.27 -12.84 -0.87
C PHE A 372 0.65 -12.17 0.13
N LEU A 373 1.63 -12.89 0.65
CA LEU A 373 2.55 -12.32 1.64
C LEU A 373 3.48 -11.29 1.03
N LEU A 374 3.58 -11.22 -0.30
CA LEU A 374 4.48 -10.31 -0.98
C LEU A 374 3.74 -9.15 -1.64
N ARG A 375 2.50 -8.89 -1.22
CA ARG A 375 1.70 -7.80 -1.79
C ARG A 375 1.79 -6.59 -0.86
N ASN A 376 2.95 -5.93 -0.89
CA ASN A 376 3.19 -4.73 -0.10
C ASN A 376 4.39 -4.02 -0.70
N GLY A 377 4.68 -2.83 -0.19
CA GLY A 377 5.81 -2.07 -0.68
C GLY A 377 7.13 -2.72 -0.35
N ALA A 378 8.18 -2.26 -1.02
CA ALA A 378 9.51 -2.83 -0.81
C ALA A 378 9.95 -2.63 0.64
N ASN A 379 9.71 -1.46 1.20
CA ASN A 379 9.84 -1.23 2.63
C ASN A 379 8.72 -0.28 3.05
N GLU A 380 8.84 0.27 4.25
CA GLU A 380 7.78 1.06 4.85
C GLU A 380 7.79 2.52 4.39
N GLY A 381 8.40 2.83 3.25
CA GLY A 381 8.49 4.20 2.80
C GLY A 381 8.30 4.40 1.32
N PHE A 382 7.59 3.49 0.64
CA PHE A 382 7.46 3.61 -0.81
C PHE A 382 6.08 4.07 -1.24
N HIS A 383 5.02 3.62 -0.55
CA HIS A 383 3.67 4.07 -0.90
C HIS A 383 3.56 5.59 -0.84
N GLU A 384 3.98 6.17 0.29
CA GLU A 384 3.85 7.61 0.45
C GLU A 384 4.72 8.37 -0.55
N ALA A 385 5.92 7.84 -0.84
CA ALA A 385 6.77 8.48 -1.84
C ALA A 385 6.11 8.49 -3.22
N VAL A 386 5.51 7.37 -3.60
CA VAL A 386 4.86 7.28 -4.90
C VAL A 386 3.68 8.24 -4.97
N GLY A 387 2.90 8.34 -3.90
CA GLY A 387 1.81 9.30 -3.89
C GLY A 387 2.30 10.75 -3.95
N GLU A 388 3.34 11.06 -3.18
CA GLU A 388 3.80 12.43 -3.08
C GLU A 388 4.41 12.93 -4.37
N ILE A 389 5.16 12.08 -5.08
CA ILE A 389 5.74 12.54 -6.33
C ILE A 389 4.64 12.85 -7.35
N MET A 390 3.56 12.06 -7.36
CA MET A 390 2.43 12.34 -8.24
C MET A 390 1.79 13.68 -7.89
N SER A 391 1.58 13.92 -6.59
CA SER A 391 0.97 15.20 -6.18
C SER A 391 1.85 16.38 -6.56
N LEU A 392 3.17 16.26 -6.34
CA LEU A 392 4.09 17.34 -6.71
C LEU A 392 4.08 17.61 -8.20
N SER A 393 4.08 16.54 -9.01
CA SER A 393 4.02 16.75 -10.46
C SER A 393 2.69 17.33 -10.90
N ALA A 394 1.61 17.06 -10.17
CA ALA A 394 0.30 17.58 -10.55
C ALA A 394 0.02 18.98 -10.03
N ALA A 395 0.84 19.50 -9.12
CA ALA A 395 0.62 20.84 -8.57
C ALA A 395 1.38 21.94 -9.30
N THR A 396 2.11 21.60 -10.36
CA THR A 396 2.95 22.59 -11.04
C THR A 396 2.09 23.54 -11.88
N PRO A 397 2.51 24.79 -12.01
CA PRO A 397 1.70 25.76 -12.78
C PRO A 397 1.51 25.38 -14.24
N LYS A 398 2.48 24.72 -14.86
CA LYS A 398 2.33 24.30 -16.25
C LYS A 398 1.20 23.28 -16.40
N HIS A 399 1.10 22.34 -15.45
CA HIS A 399 0.01 21.38 -15.47
C HIS A 399 -1.34 22.07 -15.33
N LEU A 400 -1.45 22.99 -14.37
CA LEU A 400 -2.69 23.72 -14.16
C LEU A 400 -3.05 24.55 -15.39
N LYS A 401 -2.05 25.05 -16.11
CA LYS A 401 -2.33 25.76 -17.36
C LYS A 401 -2.85 24.80 -18.41
N SER A 402 -2.19 23.66 -18.61
CA SER A 402 -2.68 22.67 -19.56
C SER A 402 -3.56 21.63 -18.87
N ILE A 403 -4.48 22.11 -18.02
CA ILE A 403 -5.63 21.34 -17.57
C ILE A 403 -6.86 22.20 -17.81
N GLY A 404 -6.67 23.51 -17.84
CA GLY A 404 -7.73 24.45 -18.12
C GLY A 404 -8.12 25.36 -16.98
N LEU A 405 -7.51 25.21 -15.80
CA LEU A 405 -7.91 26.00 -14.64
C LEU A 405 -7.29 27.40 -14.68
N LEU A 406 -5.96 27.45 -14.67
CA LEU A 406 -5.27 28.73 -14.64
C LEU A 406 -5.24 29.35 -16.04
N SER A 407 -5.24 30.68 -16.09
CA SER A 407 -5.35 31.38 -17.35
C SER A 407 -4.17 31.06 -18.25
N PRO A 408 -4.37 30.96 -19.57
CA PRO A 408 -3.25 30.60 -20.45
C PRO A 408 -2.42 31.80 -20.82
N ASP A 409 -2.24 32.71 -19.86
CA ASP A 409 -1.18 33.70 -19.91
C ASP A 409 -0.92 34.07 -18.44
N PHE A 410 0.03 33.37 -17.83
CA PHE A 410 0.31 33.53 -16.40
C PHE A 410 1.82 33.57 -16.17
N GLN A 411 2.50 34.45 -16.90
CA GLN A 411 3.94 34.64 -16.71
C GLN A 411 4.26 34.73 -15.23
N GLU A 412 5.06 33.79 -14.76
CA GLU A 412 5.40 33.67 -13.36
C GLU A 412 6.37 34.79 -12.98
N ASP A 413 6.60 34.96 -11.68
CA ASP A 413 7.58 35.92 -11.20
C ASP A 413 8.37 35.23 -10.09
N ASN A 414 9.68 35.48 -10.05
CA ASN A 414 10.56 34.72 -9.16
C ASN A 414 10.13 34.82 -7.71
N GLU A 415 9.39 35.88 -7.36
CA GLU A 415 8.86 35.98 -6.01
C GLU A 415 7.89 34.85 -5.71
N THR A 416 7.06 34.47 -6.69
CA THR A 416 6.12 33.38 -6.49
C THR A 416 6.84 32.06 -6.29
N GLU A 417 7.90 31.81 -7.07
CA GLU A 417 8.69 30.60 -6.86
C GLU A 417 9.35 30.59 -5.49
N ILE A 418 9.85 31.74 -5.03
CA ILE A 418 10.44 31.81 -3.69
C ILE A 418 9.38 31.49 -2.63
N ASN A 419 8.17 32.04 -2.80
CA ASN A 419 7.09 31.76 -1.86
C ASN A 419 6.74 30.28 -1.84
N PHE A 420 6.63 29.66 -3.02
CA PHE A 420 6.31 28.24 -3.09
C PHE A 420 7.41 27.40 -2.45
N LEU A 421 8.67 27.73 -2.72
CA LEU A 421 9.78 26.97 -2.14
C LEU A 421 9.79 27.10 -0.62
N LEU A 422 9.53 28.30 -0.10
CA LEU A 422 9.51 28.46 1.35
C LEU A 422 8.36 27.70 1.98
N LYS A 423 7.19 27.72 1.33
CA LYS A 423 6.05 26.96 1.83
C LYS A 423 6.36 25.47 1.86
N GLN A 424 7.00 24.96 0.81
CA GLN A 424 7.39 23.55 0.80
C GLN A 424 8.45 23.24 1.85
N ALA A 425 9.41 24.16 2.03
CA ALA A 425 10.47 23.94 3.00
C ALA A 425 9.95 23.87 4.42
N LEU A 426 9.02 24.77 4.77
CA LEU A 426 8.49 24.80 6.13
C LEU A 426 7.82 23.49 6.52
N THR A 427 7.39 22.70 5.54
CA THR A 427 6.77 21.40 5.82
C THR A 427 7.72 20.23 5.63
N ILE A 428 8.73 20.36 4.77
CA ILE A 428 9.62 19.24 4.46
C ILE A 428 10.88 19.29 5.32
N VAL A 429 11.63 20.40 5.22
CA VAL A 429 12.92 20.48 5.89
C VAL A 429 12.74 20.59 7.40
N GLY A 430 11.73 21.34 7.84
CA GLY A 430 11.54 21.60 9.26
C GLY A 430 11.18 20.40 10.09
N THR A 431 10.86 19.27 9.46
CA THR A 431 10.46 18.08 10.20
C THR A 431 11.54 17.00 10.26
N LEU A 432 12.55 17.06 9.40
CA LEU A 432 13.59 16.02 9.41
C LEU A 432 14.40 16.00 10.70
N PRO A 433 14.91 17.12 11.22
CA PRO A 433 15.59 17.04 12.52
C PRO A 433 14.72 16.52 13.64
N PHE A 434 13.43 16.87 13.63
CA PHE A 434 12.52 16.42 14.68
C PHE A 434 12.39 14.90 14.67
N THR A 435 12.11 14.32 13.49
CA THR A 435 11.96 12.88 13.40
C THR A 435 13.28 12.16 13.69
N TYR A 436 14.39 12.72 13.22
CA TYR A 436 15.69 12.09 13.50
C TYR A 436 15.97 12.07 14.99
N MET A 437 15.74 13.19 15.67
CA MET A 437 15.95 13.25 17.11
C MET A 437 15.05 12.26 17.85
N LEU A 438 13.76 12.23 17.50
CA LEU A 438 12.85 11.36 18.22
C LEU A 438 13.23 9.90 18.06
N GLU A 439 13.56 9.49 16.83
CA GLU A 439 13.94 8.10 16.60
C GLU A 439 15.24 7.76 17.33
N LYS A 440 16.21 8.68 17.31
CA LYS A 440 17.48 8.40 17.99
C LYS A 440 17.29 8.31 19.50
N TRP A 441 16.47 9.19 20.07
CA TRP A 441 16.19 9.12 21.50
C TRP A 441 15.54 7.80 21.86
N ARG A 442 14.55 7.36 21.08
CA ARG A 442 13.90 6.09 21.37
C ARG A 442 14.87 4.92 21.22
N TRP A 443 15.75 4.97 20.21
CA TRP A 443 16.74 3.91 20.03
C TRP A 443 17.66 3.82 21.24
N MET A 444 18.15 4.97 21.73
CA MET A 444 19.03 4.95 22.89
C MET A 444 18.30 4.54 24.16
N VAL A 445 17.03 4.92 24.31
CA VAL A 445 16.26 4.48 25.46
C VAL A 445 16.07 2.98 25.45
N PHE A 446 15.74 2.39 24.30
CA PHE A 446 15.58 0.94 24.22
C PHE A 446 16.91 0.21 24.41
N LYS A 447 18.01 0.81 23.95
CA LYS A 447 19.32 0.20 24.12
C LYS A 447 19.77 0.19 25.58
N GLY A 448 19.21 1.06 26.41
CA GLY A 448 19.64 1.21 27.77
C GLY A 448 20.78 2.18 27.99
N GLU A 449 21.17 2.93 26.95
CA GLU A 449 22.25 3.91 27.11
C GLU A 449 21.84 5.04 28.05
N ILE A 450 20.61 5.51 27.94
CA ILE A 450 20.10 6.55 28.82
C ILE A 450 19.37 5.87 29.97
N PRO A 451 19.87 5.96 31.20
CA PRO A 451 19.14 5.42 32.34
C PRO A 451 17.85 6.21 32.57
N LYS A 452 16.98 5.61 33.38
CA LYS A 452 15.65 6.18 33.60
C LYS A 452 15.72 7.60 34.11
N ASP A 453 16.47 7.82 35.20
CA ASP A 453 16.53 9.12 35.84
C ASP A 453 17.16 10.19 34.97
N GLN A 454 17.81 9.81 33.88
CA GLN A 454 18.41 10.78 32.96
C GLN A 454 17.66 10.87 31.65
N TRP A 455 16.43 10.37 31.57
CA TRP A 455 15.69 10.42 30.31
C TRP A 455 15.42 11.85 29.87
N MET A 456 14.53 12.53 30.60
CA MET A 456 13.96 13.77 30.10
C MET A 456 15.02 14.83 29.88
N LYS A 457 15.93 14.99 30.85
CA LYS A 457 16.99 15.98 30.70
C LYS A 457 17.74 15.77 29.39
N LYS A 458 18.14 14.52 29.11
CA LYS A 458 18.91 14.29 27.90
C LYS A 458 18.06 14.59 26.68
N TRP A 459 16.76 14.29 26.76
CA TRP A 459 15.81 14.67 25.74
C TRP A 459 16.00 16.13 25.36
N TRP A 460 15.93 17.03 26.35
CA TRP A 460 16.03 18.45 26.03
C TRP A 460 17.41 18.80 25.51
N GLU A 461 18.44 18.08 25.97
CA GLU A 461 19.76 18.25 25.39
C GLU A 461 19.72 18.05 23.88
N MET A 462 19.10 16.95 23.43
CA MET A 462 19.05 16.68 22.01
C MET A 462 18.17 17.70 21.29
N LYS A 463 17.29 18.39 22.02
CA LYS A 463 16.51 19.44 21.39
C LYS A 463 17.35 20.68 21.12
N ARG A 464 18.40 20.90 21.91
CA ARG A 464 19.21 22.09 21.79
C ARG A 464 20.43 21.88 20.90
N GLU A 465 20.72 20.64 20.52
CA GLU A 465 21.90 20.32 19.74
C GLU A 465 21.59 19.83 18.34
N ILE A 466 20.37 19.38 18.09
CA ILE A 466 19.98 18.84 16.79
C ILE A 466 18.95 19.72 16.11
N VAL A 467 17.85 20.02 16.79
CA VAL A 467 16.75 20.78 16.19
C VAL A 467 16.79 22.24 16.60
N GLY A 468 17.28 22.55 17.80
CA GLY A 468 17.43 23.93 18.22
C GLY A 468 16.20 24.54 18.84
N VAL A 469 15.62 23.86 19.85
CA VAL A 469 14.40 24.28 20.50
C VAL A 469 14.61 24.25 22.01
N VAL A 470 14.21 25.31 22.69
CA VAL A 470 14.43 25.47 24.12
C VAL A 470 13.11 25.29 24.85
N GLU A 471 13.18 24.80 26.08
CA GLU A 471 12.01 24.61 26.95
C GLU A 471 11.65 25.91 27.64
N PRO A 472 10.39 26.35 27.54
CA PRO A 472 9.98 27.56 28.24
C PRO A 472 9.93 27.42 29.75
N VAL A 473 9.60 26.23 30.23
CA VAL A 473 9.46 25.97 31.67
C VAL A 473 10.31 24.76 32.04
N PRO A 474 11.01 24.79 33.17
CA PRO A 474 11.82 23.62 33.56
C PRO A 474 10.97 22.37 33.72
N HIS A 475 11.56 21.23 33.35
CA HIS A 475 10.87 19.94 33.40
C HIS A 475 11.67 18.98 34.25
N ASP A 476 11.01 18.37 35.24
CA ASP A 476 11.64 17.44 36.16
C ASP A 476 11.56 16.03 35.56
N GLU A 477 11.97 15.03 36.33
CA GLU A 477 11.92 13.64 35.86
C GLU A 477 10.54 13.03 35.99
N THR A 478 9.60 13.72 36.65
CA THR A 478 8.23 13.21 36.70
C THR A 478 7.52 13.38 35.37
N TYR A 479 7.96 14.33 34.55
CA TYR A 479 7.32 14.59 33.27
C TYR A 479 7.69 13.50 32.25
N CYS A 480 6.85 13.39 31.22
CA CYS A 480 7.15 12.55 30.06
C CYS A 480 6.60 13.29 28.84
N ASP A 481 7.45 14.09 28.21
CA ASP A 481 7.07 14.88 27.05
C ASP A 481 7.00 14.05 25.77
N PRO A 482 7.95 13.14 25.50
CA PRO A 482 7.83 12.33 24.28
C PRO A 482 6.58 11.48 24.24
N ALA A 483 6.09 11.03 25.39
CA ALA A 483 4.86 10.24 25.44
C ALA A 483 3.64 11.03 25.02
N SER A 484 3.74 12.37 24.96
CA SER A 484 2.60 13.19 24.59
C SER A 484 2.24 13.07 23.11
N LEU A 485 3.15 12.59 22.28
CA LEU A 485 2.89 12.50 20.85
C LEU A 485 2.13 11.22 20.54
N PHE A 486 1.31 11.27 19.49
CA PHE A 486 0.41 10.16 19.18
C PHE A 486 1.18 8.90 18.83
N HIS A 487 2.25 9.02 18.05
CA HIS A 487 2.99 7.86 17.60
C HIS A 487 3.73 7.18 18.75
N VAL A 488 4.28 7.97 19.67
CA VAL A 488 5.02 7.40 20.79
C VAL A 488 4.07 6.68 21.75
N SER A 489 2.93 7.29 22.06
CA SER A 489 1.99 6.69 22.99
C SER A 489 1.36 5.42 22.44
N ASN A 490 1.07 5.39 21.14
CA ASN A 490 0.33 4.30 20.52
C ASN A 490 1.23 3.33 19.75
N ASP A 491 2.52 3.30 20.05
CA ASP A 491 3.45 2.25 19.62
C ASP A 491 3.50 2.15 18.09
N TYR A 492 4.02 3.21 17.48
CA TYR A 492 4.24 3.25 16.05
C TYR A 492 5.68 3.65 15.75
N SER A 493 6.24 3.04 14.72
CA SER A 493 7.55 3.45 14.23
C SER A 493 7.47 4.84 13.63
N PHE A 494 8.58 5.57 13.74
CA PHE A 494 8.61 6.98 13.35
C PHE A 494 9.73 7.33 12.39
N ILE A 495 10.62 6.39 12.07
CA ILE A 495 11.65 6.64 11.07
C ILE A 495 11.07 6.63 9.66
N ARG A 496 9.87 6.06 9.49
CA ARG A 496 9.25 5.99 8.18
C ARG A 496 9.11 7.36 7.54
N TYR A 497 8.97 8.41 8.34
CA TYR A 497 8.76 9.75 7.85
C TYR A 497 10.04 10.45 7.44
N TYR A 498 11.20 9.85 7.73
CA TYR A 498 12.48 10.42 7.32
C TYR A 498 12.90 9.85 5.97
N THR A 499 13.06 8.53 5.90
CA THR A 499 13.55 7.88 4.68
C THR A 499 12.65 8.22 3.49
N ARG A 500 11.33 8.16 3.69
CA ARG A 500 10.41 8.52 2.63
C ARG A 500 10.72 9.91 2.07
N THR A 501 10.93 10.89 2.96
CA THR A 501 11.16 12.25 2.51
C THR A 501 12.36 12.34 1.58
N LEU A 502 13.31 11.40 1.72
CA LEU A 502 14.42 11.38 0.79
C LEU A 502 14.03 10.63 -0.48
N TYR A 503 13.47 9.41 -0.33
CA TYR A 503 13.12 8.60 -1.48
C TYR A 503 12.29 9.38 -2.47
N GLN A 504 11.32 10.15 -1.95
CA GLN A 504 10.50 11.02 -2.78
C GLN A 504 11.34 11.78 -3.79
N PHE A 505 12.24 12.64 -3.31
CA PHE A 505 13.05 13.42 -4.24
C PHE A 505 14.00 12.51 -5.00
N GLN A 506 14.47 11.45 -4.34
CA GLN A 506 15.29 10.44 -5.00
C GLN A 506 14.62 9.94 -6.27
N PHE A 507 13.30 9.76 -6.21
CA PHE A 507 12.57 9.31 -7.41
C PHE A 507 12.44 10.44 -8.42
N GLN A 508 12.14 11.66 -7.95
CA GLN A 508 11.67 12.71 -8.85
C GLN A 508 12.75 13.06 -9.88
N GLU A 509 13.97 13.32 -9.40
CA GLU A 509 15.05 13.66 -10.32
C GLU A 509 15.37 12.50 -11.26
N ALA A 510 15.06 11.27 -10.85
CA ALA A 510 15.26 10.14 -11.76
C ALA A 510 14.22 10.13 -12.87
N LEU A 511 13.02 10.63 -12.60
CA LEU A 511 11.97 10.65 -13.61
C LEU A 511 12.01 11.90 -14.47
N CYS A 512 12.56 13.00 -13.96
CA CYS A 512 12.69 14.21 -14.77
C CYS A 512 13.71 14.02 -15.88
N GLN A 513 14.80 13.31 -15.58
CA GLN A 513 15.81 13.07 -16.61
C GLN A 513 15.28 12.21 -17.75
N ALA A 514 14.45 11.21 -17.44
CA ALA A 514 13.82 10.43 -18.49
C ALA A 514 12.78 11.26 -19.25
N ALA A 515 12.21 12.27 -18.60
CA ALA A 515 11.24 13.16 -19.22
C ALA A 515 11.89 14.32 -19.96
N LYS A 516 13.22 14.39 -19.94
CA LYS A 516 13.98 15.45 -20.61
C LYS A 516 13.58 16.83 -20.09
N HIS A 517 13.77 17.01 -18.78
CA HIS A 517 13.56 18.31 -18.16
C HIS A 517 14.74 19.23 -18.46
N GLU A 518 14.45 20.52 -18.68
CA GLU A 518 15.46 21.46 -19.11
C GLU A 518 15.47 22.72 -18.24
N GLY A 519 15.16 22.59 -16.96
CA GLY A 519 15.18 23.71 -16.06
C GLY A 519 15.36 23.31 -14.61
N PRO A 520 14.92 24.16 -13.69
CA PRO A 520 14.98 23.81 -12.27
C PRO A 520 14.06 22.64 -11.95
N LEU A 521 14.35 21.97 -10.83
CA LEU A 521 13.63 20.75 -10.50
C LEU A 521 12.23 21.02 -9.96
N HIS A 522 11.99 22.19 -9.37
CA HIS A 522 10.68 22.44 -8.80
C HIS A 522 9.62 22.75 -9.84
N LYS A 523 10.01 22.89 -11.10
CA LYS A 523 9.08 23.11 -12.21
C LYS A 523 8.91 21.85 -13.05
N CYS A 524 9.06 20.68 -12.44
CA CYS A 524 9.06 19.42 -13.17
C CYS A 524 7.65 18.88 -13.30
N ASP A 525 7.25 18.55 -14.52
CA ASP A 525 6.00 17.87 -14.80
C ASP A 525 6.31 16.66 -15.67
N ILE A 526 5.89 15.48 -15.22
CA ILE A 526 6.24 14.22 -15.88
C ILE A 526 5.11 13.71 -16.77
N SER A 527 4.19 14.58 -17.15
CA SER A 527 3.12 14.16 -18.05
C SER A 527 3.66 14.00 -19.47
N ASN A 528 2.97 13.17 -20.25
CA ASN A 528 3.31 12.94 -21.65
C ASN A 528 4.74 12.40 -21.81
N SER A 529 5.15 11.52 -20.90
CA SER A 529 6.47 10.91 -20.95
C SER A 529 6.33 9.43 -20.58
N THR A 530 6.29 8.57 -21.60
CA THR A 530 6.14 7.14 -21.36
C THR A 530 7.40 6.50 -20.78
N GLU A 531 8.57 7.09 -21.03
CA GLU A 531 9.80 6.54 -20.47
C GLU A 531 9.79 6.60 -18.94
N ALA A 532 9.35 7.73 -18.39
CA ALA A 532 9.23 7.84 -16.93
C ALA A 532 8.22 6.84 -16.39
N GLY A 533 7.11 6.67 -17.10
CA GLY A 533 6.12 5.69 -16.67
C GLY A 533 6.66 4.28 -16.64
N GLN A 534 7.41 3.90 -17.68
CA GLN A 534 8.00 2.56 -17.70
C GLN A 534 9.04 2.40 -16.60
N LYS A 535 9.86 3.44 -16.39
CA LYS A 535 10.89 3.37 -15.35
C LYS A 535 10.26 3.19 -13.98
N LEU A 536 9.16 3.89 -13.71
CA LEU A 536 8.46 3.71 -12.45
C LEU A 536 7.81 2.33 -12.37
N PHE A 537 7.16 1.89 -13.45
CA PHE A 537 6.41 0.64 -13.42
C PHE A 537 7.31 -0.56 -13.25
N ASN A 538 8.56 -0.49 -13.73
CA ASN A 538 9.48 -1.61 -13.54
C ASN A 538 9.71 -1.88 -12.06
N MET A 539 9.82 -0.82 -11.26
CA MET A 539 9.94 -0.99 -9.81
C MET A 539 8.60 -1.33 -9.17
N LEU A 540 7.51 -0.74 -9.66
CA LEU A 540 6.21 -0.94 -9.04
C LEU A 540 5.78 -2.40 -9.08
N ARG A 541 6.05 -3.09 -10.20
CA ARG A 541 5.58 -4.46 -10.35
C ARG A 541 6.24 -5.44 -9.38
N LEU A 542 7.38 -5.07 -8.80
CA LEU A 542 8.14 -6.05 -8.01
C LEU A 542 7.44 -6.35 -6.68
N GLY A 543 6.90 -5.35 -6.02
CA GLY A 543 6.32 -5.58 -4.72
C GLY A 543 7.40 -5.78 -3.68
N LYS A 544 7.23 -6.79 -2.83
CA LYS A 544 8.18 -7.12 -1.79
C LYS A 544 9.05 -8.32 -2.16
N SER A 545 8.98 -8.77 -3.41
CA SER A 545 9.72 -9.96 -3.83
C SER A 545 11.23 -9.74 -3.78
N GLU A 546 11.69 -8.57 -4.20
CA GLU A 546 13.11 -8.27 -4.30
C GLU A 546 13.54 -7.32 -3.19
N PRO A 547 14.85 -7.30 -2.86
CA PRO A 547 15.33 -6.35 -1.86
C PRO A 547 15.06 -4.91 -2.29
N TRP A 548 14.82 -4.04 -1.31
CA TRP A 548 14.52 -2.66 -1.63
C TRP A 548 15.71 -1.94 -2.26
N THR A 549 16.93 -2.44 -2.05
CA THR A 549 18.09 -1.87 -2.73
C THR A 549 17.98 -2.07 -4.24
N LEU A 550 17.61 -3.27 -4.67
CA LEU A 550 17.45 -3.54 -6.09
C LEU A 550 16.30 -2.73 -6.68
N ALA A 551 15.19 -2.61 -5.94
CA ALA A 551 14.07 -1.81 -6.42
C ALA A 551 14.46 -0.35 -6.57
N LEU A 552 15.21 0.18 -5.61
CA LEU A 552 15.68 1.56 -5.70
C LEU A 552 16.62 1.74 -6.88
N GLU A 553 17.52 0.76 -7.10
CA GLU A 553 18.45 0.85 -8.22
C GLU A 553 17.72 0.79 -9.56
N ASN A 554 16.61 0.08 -9.63
CA ASN A 554 15.85 0.00 -10.88
C ASN A 554 15.30 1.35 -11.31
N VAL A 555 15.25 2.33 -10.42
CA VAL A 555 14.74 3.67 -10.72
C VAL A 555 15.86 4.70 -10.75
N VAL A 556 16.71 4.74 -9.73
CA VAL A 556 17.63 5.85 -9.56
C VAL A 556 19.08 5.50 -9.91
N GLY A 557 19.41 4.23 -10.10
CA GLY A 557 20.77 3.84 -10.40
C GLY A 557 21.68 3.73 -9.20
N ALA A 558 21.18 3.95 -7.99
CA ALA A 558 21.96 3.85 -6.77
C ALA A 558 21.26 2.93 -5.79
N LYS A 559 22.06 2.25 -4.97
CA LYS A 559 21.55 1.26 -4.04
C LYS A 559 21.36 1.81 -2.62
N ASN A 560 21.59 3.10 -2.42
CA ASN A 560 21.61 3.65 -1.07
C ASN A 560 20.82 4.95 -1.03
N MET A 561 20.42 5.32 0.18
CA MET A 561 19.69 6.56 0.40
C MET A 561 20.62 7.75 0.28
N ASN A 562 20.17 8.80 -0.41
CA ASN A 562 21.01 9.93 -0.76
C ASN A 562 20.23 11.23 -0.57
N VAL A 563 20.96 12.33 -0.42
CA VAL A 563 20.39 13.63 -0.08
C VAL A 563 20.47 14.65 -1.21
N ARG A 564 21.45 14.51 -2.10
CA ARG A 564 21.71 15.55 -3.10
C ARG A 564 20.48 15.99 -3.89
N PRO A 565 19.55 15.12 -4.30
CA PRO A 565 18.34 15.61 -4.98
C PRO A 565 17.54 16.63 -4.18
N LEU A 566 17.45 16.48 -2.85
CA LEU A 566 16.73 17.45 -2.05
C LEU A 566 17.39 18.83 -2.13
N LEU A 567 18.72 18.87 -2.06
CA LEU A 567 19.42 20.14 -2.20
C LEU A 567 19.27 20.70 -3.61
N ASN A 568 19.24 19.83 -4.62
CA ASN A 568 19.00 20.30 -5.98
C ASN A 568 17.62 20.92 -6.11
N TYR A 569 16.66 20.40 -5.35
CA TYR A 569 15.30 20.94 -5.39
C TYR A 569 15.22 22.28 -4.66
N PHE A 570 15.94 22.41 -3.54
CA PHE A 570 15.82 23.59 -2.69
C PHE A 570 16.95 24.61 -2.88
N GLU A 571 17.77 24.45 -3.91
CA GLU A 571 18.89 25.39 -4.12
C GLU A 571 18.46 26.85 -4.25
N PRO A 572 17.44 27.23 -5.02
CA PRO A 572 17.08 28.66 -5.09
C PRO A 572 16.76 29.26 -3.74
N LEU A 573 16.03 28.53 -2.89
CA LEU A 573 15.77 29.02 -1.55
C LEU A 573 17.07 29.16 -0.75
N PHE A 574 17.99 28.21 -0.95
CA PHE A 574 19.25 28.25 -0.22
C PHE A 574 20.05 29.50 -0.58
N THR A 575 20.15 29.81 -1.87
CA THR A 575 20.92 30.99 -2.26
C THR A 575 20.22 32.28 -1.86
N TRP A 576 18.88 32.32 -1.95
CA TRP A 576 18.17 33.51 -1.49
C TRP A 576 18.37 33.73 0.00
N LEU A 577 18.30 32.66 0.80
CA LEU A 577 18.49 32.79 2.23
C LEU A 577 19.92 33.20 2.56
N LYS A 578 20.90 32.67 1.83
CA LYS A 578 22.28 33.07 2.05
C LYS A 578 22.48 34.55 1.74
N ASP A 579 21.87 35.04 0.67
CA ASP A 579 21.96 36.46 0.36
C ASP A 579 21.26 37.32 1.41
N GLN A 580 20.13 36.83 1.94
CA GLN A 580 19.35 37.63 2.87
C GLN A 580 19.96 37.67 4.27
N ASN A 581 20.58 36.58 4.71
CA ASN A 581 21.02 36.46 6.10
C ASN A 581 22.42 37.00 6.33
N LYS A 582 22.88 37.95 5.52
CA LYS A 582 24.23 38.49 5.68
C LYS A 582 24.39 39.22 7.00
N ASN A 583 23.40 40.01 7.40
CA ASN A 583 23.50 40.85 8.59
C ASN A 583 22.98 40.18 9.85
N SER A 584 22.66 38.89 9.79
CA SER A 584 22.14 38.14 10.92
C SER A 584 23.10 37.01 11.28
N PHE A 585 22.77 36.29 12.34
CA PHE A 585 23.62 35.25 12.89
C PHE A 585 23.05 33.88 12.56
N VAL A 586 23.88 33.00 12.03
CA VAL A 586 23.48 31.63 11.66
C VAL A 586 24.05 30.67 12.69
N GLY A 587 23.18 29.88 13.30
CA GLY A 587 23.55 29.00 14.40
C GLY A 587 22.84 29.41 15.68
N TRP A 588 23.04 28.57 16.70
CA TRP A 588 22.41 28.81 18.00
C TRP A 588 23.34 28.33 19.11
N SER A 589 23.08 28.84 20.31
CA SER A 589 23.83 28.49 21.51
C SER A 589 22.90 27.83 22.51
N THR A 590 23.41 26.82 23.21
CA THR A 590 22.60 26.03 24.12
C THR A 590 22.54 26.61 25.53
N ASP A 591 23.28 27.68 25.81
CA ASP A 591 23.28 28.24 27.17
C ASP A 591 22.04 29.08 27.44
N TRP A 592 21.45 29.70 26.42
CA TRP A 592 20.33 30.59 26.63
C TRP A 592 19.10 29.81 27.09
N SER A 593 18.32 30.43 27.98
CA SER A 593 17.12 29.80 28.51
C SER A 593 16.16 30.87 28.99
N PRO A 594 14.92 30.87 28.53
CA PRO A 594 13.96 31.90 28.98
C PRO A 594 13.71 31.90 30.48
N TYR A 595 13.75 30.74 31.13
CA TYR A 595 13.52 30.66 32.56
C TYR A 595 14.79 31.01 33.34
N CYS B 336 -30.25 -29.19 -33.89
CA CYS B 336 -29.18 -29.81 -33.15
C CYS B 336 -29.10 -29.23 -31.74
N PRO B 337 -28.98 -30.09 -30.73
CA PRO B 337 -29.15 -29.61 -29.35
C PRO B 337 -28.01 -28.75 -28.84
N PHE B 338 -27.99 -27.49 -29.28
CA PHE B 338 -27.09 -26.51 -28.69
C PHE B 338 -27.76 -25.66 -27.63
N GLY B 339 -29.09 -25.65 -27.57
CA GLY B 339 -29.78 -24.93 -26.52
C GLY B 339 -29.57 -25.54 -25.16
N GLU B 340 -29.59 -26.86 -25.07
CA GLU B 340 -29.39 -27.52 -23.79
C GLU B 340 -27.94 -27.47 -23.35
N VAL B 341 -27.02 -27.23 -24.29
CA VAL B 341 -25.60 -27.12 -23.96
C VAL B 341 -25.23 -25.70 -23.55
N PHE B 342 -25.65 -24.71 -24.33
CA PHE B 342 -25.28 -23.32 -24.07
C PHE B 342 -26.25 -22.65 -23.09
N ASN B 343 -27.53 -22.63 -23.44
CA ASN B 343 -28.55 -21.99 -22.59
C ASN B 343 -29.10 -22.99 -21.57
N ALA B 344 -28.22 -23.45 -20.69
CA ALA B 344 -28.58 -24.39 -19.65
C ALA B 344 -28.56 -23.72 -18.29
N THR B 345 -29.49 -24.12 -17.43
CA THR B 345 -29.62 -23.47 -16.13
C THR B 345 -28.42 -23.74 -15.24
N ARG B 346 -27.96 -24.99 -15.19
CA ARG B 346 -26.89 -25.38 -14.29
C ARG B 346 -25.69 -25.87 -15.08
N PHE B 347 -24.51 -25.37 -14.71
CA PHE B 347 -23.24 -25.83 -15.26
C PHE B 347 -22.43 -26.47 -14.14
N ALA B 348 -21.64 -27.48 -14.50
CA ALA B 348 -20.97 -28.29 -13.49
C ALA B 348 -19.64 -27.65 -13.07
N SER B 349 -19.09 -28.19 -11.99
CA SER B 349 -17.79 -27.78 -11.52
C SER B 349 -16.71 -28.22 -12.50
N VAL B 350 -15.54 -27.59 -12.41
CA VAL B 350 -14.50 -27.84 -13.38
C VAL B 350 -13.96 -29.25 -13.27
N TYR B 351 -13.89 -29.79 -12.05
CA TYR B 351 -13.35 -31.13 -11.87
C TYR B 351 -14.30 -32.19 -12.44
N ALA B 352 -15.60 -32.02 -12.24
CA ALA B 352 -16.60 -32.90 -12.85
C ALA B 352 -17.24 -32.25 -14.08
N TRP B 353 -16.43 -32.01 -15.11
CA TRP B 353 -16.92 -31.36 -16.31
C TRP B 353 -17.86 -32.29 -17.08
N ASN B 354 -18.90 -31.71 -17.67
CA ASN B 354 -19.90 -32.52 -18.37
C ASN B 354 -19.47 -32.80 -19.80
N ARG B 355 -19.66 -34.05 -20.23
CA ARG B 355 -19.56 -34.44 -21.62
C ARG B 355 -20.94 -34.75 -22.15
N LYS B 356 -21.30 -34.14 -23.28
CA LYS B 356 -22.52 -34.47 -23.99
C LYS B 356 -22.16 -34.89 -25.40
N ARG B 357 -22.63 -36.07 -25.79
CA ARG B 357 -22.40 -36.61 -27.13
C ARG B 357 -23.51 -36.11 -28.05
N ILE B 358 -23.11 -35.48 -29.15
CA ILE B 358 -24.05 -34.92 -30.10
C ILE B 358 -23.99 -35.75 -31.37
N SER B 359 -25.13 -36.30 -31.77
CA SER B 359 -25.19 -37.19 -32.92
C SER B 359 -26.53 -37.05 -33.62
N ASN B 360 -26.51 -37.29 -34.94
CA ASN B 360 -27.70 -37.27 -35.79
C ASN B 360 -28.43 -35.93 -35.68
N CYS B 361 -27.75 -34.89 -36.14
CA CYS B 361 -28.31 -33.55 -36.17
C CYS B 361 -27.67 -32.78 -37.32
N VAL B 362 -28.29 -31.67 -37.69
CA VAL B 362 -27.70 -30.70 -38.60
C VAL B 362 -27.31 -29.48 -37.79
N ALA B 363 -26.04 -29.09 -37.89
CA ALA B 363 -25.46 -28.09 -37.01
C ALA B 363 -25.34 -26.78 -37.75
N ASP B 364 -25.84 -25.71 -37.14
CA ASP B 364 -25.75 -24.35 -37.68
C ASP B 364 -24.78 -23.59 -36.78
N TYR B 365 -23.49 -23.66 -37.13
CA TYR B 365 -22.48 -22.99 -36.33
C TYR B 365 -22.43 -21.49 -36.58
N SER B 366 -23.05 -21.02 -37.67
CA SER B 366 -23.15 -19.58 -37.88
C SER B 366 -23.99 -18.93 -36.79
N VAL B 367 -25.08 -19.57 -36.39
CA VAL B 367 -25.94 -19.03 -35.34
C VAL B 367 -25.18 -18.93 -34.02
N LEU B 368 -24.12 -19.70 -33.87
CA LEU B 368 -23.28 -19.63 -32.68
C LEU B 368 -22.14 -18.62 -32.83
N TYR B 369 -21.60 -18.47 -34.04
CA TYR B 369 -20.49 -17.56 -34.25
C TYR B 369 -20.95 -16.10 -34.30
N ASN B 370 -22.12 -15.84 -34.87
CA ASN B 370 -22.60 -14.47 -35.05
C ASN B 370 -23.17 -13.86 -33.77
N SER B 371 -22.97 -14.49 -32.63
CA SER B 371 -23.49 -13.99 -31.36
C SER B 371 -22.43 -13.12 -30.70
N THR B 372 -22.76 -11.87 -30.43
CA THR B 372 -21.85 -10.94 -29.77
C THR B 372 -22.04 -10.98 -28.25
N SER B 373 -22.04 -12.18 -27.70
CA SER B 373 -22.15 -12.37 -26.26
C SER B 373 -21.01 -13.20 -25.69
N PHE B 374 -20.06 -13.63 -26.52
CA PHE B 374 -18.99 -14.51 -26.10
C PHE B 374 -17.72 -13.71 -25.88
N SER B 375 -17.15 -13.82 -24.68
CA SER B 375 -15.89 -13.14 -24.40
C SER B 375 -14.77 -13.65 -25.29
N THR B 376 -14.68 -14.98 -25.46
CA THR B 376 -13.68 -15.54 -26.35
C THR B 376 -14.26 -16.70 -27.14
N PHE B 377 -13.83 -16.79 -28.40
CA PHE B 377 -14.24 -17.84 -29.33
C PHE B 377 -13.03 -18.18 -30.18
N LYS B 378 -12.31 -19.23 -29.81
CA LYS B 378 -11.05 -19.58 -30.46
C LYS B 378 -11.12 -20.98 -31.03
N CYS B 379 -10.80 -21.13 -32.31
CA CYS B 379 -10.82 -22.42 -32.98
C CYS B 379 -9.40 -22.75 -33.43
N TYR B 380 -8.94 -23.96 -33.11
CA TYR B 380 -7.53 -24.32 -33.29
C TYR B 380 -7.30 -25.16 -34.55
N GLY B 381 -7.94 -26.32 -34.64
CA GLY B 381 -7.67 -27.21 -35.76
C GLY B 381 -8.17 -26.66 -37.09
N VAL B 382 -9.35 -26.06 -37.09
CA VAL B 382 -10.02 -25.65 -38.32
C VAL B 382 -10.50 -24.21 -38.16
N SER B 383 -10.66 -23.54 -39.30
CA SER B 383 -11.17 -22.19 -39.29
C SER B 383 -12.66 -22.18 -38.93
N PRO B 384 -13.09 -21.28 -38.04
CA PRO B 384 -14.50 -21.28 -37.63
C PRO B 384 -15.47 -20.99 -38.75
N THR B 385 -15.09 -20.15 -39.72
CA THR B 385 -16.00 -19.77 -40.79
C THR B 385 -16.42 -20.98 -41.61
N LYS B 386 -15.55 -21.98 -41.73
CA LYS B 386 -15.85 -23.20 -42.46
C LYS B 386 -16.44 -24.29 -41.59
N LEU B 387 -16.75 -23.99 -40.32
CA LEU B 387 -17.42 -24.99 -39.49
C LEU B 387 -18.79 -25.37 -40.01
N ASN B 388 -19.36 -24.55 -40.89
CA ASN B 388 -20.69 -24.80 -41.42
C ASN B 388 -20.66 -25.60 -42.72
N ASP B 389 -19.49 -26.01 -43.19
CA ASP B 389 -19.35 -26.71 -44.46
C ASP B 389 -18.53 -28.00 -44.35
N LEU B 390 -18.46 -28.59 -43.16
CA LEU B 390 -17.72 -29.83 -42.95
C LEU B 390 -18.60 -30.84 -42.22
N CYS B 391 -18.23 -32.12 -42.34
CA CYS B 391 -18.95 -33.21 -41.70
C CYS B 391 -18.01 -33.99 -40.80
N PHE B 392 -18.49 -34.32 -39.60
CA PHE B 392 -17.74 -35.09 -38.61
C PHE B 392 -18.59 -36.30 -38.20
N THR B 393 -18.14 -37.01 -37.18
CA THR B 393 -18.87 -38.18 -36.72
C THR B 393 -19.34 -38.09 -35.28
N ASN B 394 -18.47 -37.73 -34.35
CA ASN B 394 -18.78 -37.84 -32.92
C ASN B 394 -18.37 -36.58 -32.17
N VAL B 395 -18.84 -35.41 -32.63
CA VAL B 395 -18.59 -34.17 -31.92
C VAL B 395 -19.04 -34.30 -30.46
N TYR B 396 -18.18 -33.84 -29.55
CA TYR B 396 -18.44 -33.84 -28.12
C TYR B 396 -18.49 -32.41 -27.60
N ALA B 397 -19.34 -32.17 -26.60
CA ALA B 397 -19.46 -30.87 -25.97
C ALA B 397 -19.13 -30.99 -24.49
N ASP B 398 -18.06 -30.33 -24.05
CA ASP B 398 -17.62 -30.37 -22.68
C ASP B 398 -17.86 -29.02 -22.02
N SER B 399 -18.55 -29.03 -20.89
CA SER B 399 -18.99 -27.80 -20.26
C SER B 399 -18.52 -27.74 -18.81
N PHE B 400 -18.08 -26.54 -18.39
CA PHE B 400 -17.68 -26.31 -17.00
C PHE B 400 -17.64 -24.80 -16.74
N VAL B 401 -17.26 -24.44 -15.51
CA VAL B 401 -17.19 -23.05 -15.07
C VAL B 401 -15.86 -22.81 -14.35
N ILE B 402 -15.14 -21.77 -14.76
CA ILE B 402 -13.85 -21.43 -14.17
C ILE B 402 -13.75 -19.92 -13.94
N ARG B 403 -12.60 -19.44 -13.51
CA ARG B 403 -12.36 -18.02 -13.36
C ARG B 403 -12.15 -17.37 -14.73
N GLY B 404 -11.77 -16.11 -14.73
CA GLY B 404 -11.58 -15.36 -15.96
C GLY B 404 -10.16 -15.41 -16.49
N ASP B 405 -9.18 -15.38 -15.60
CA ASP B 405 -7.78 -15.44 -16.02
C ASP B 405 -7.30 -16.86 -16.24
N GLU B 406 -8.11 -17.86 -15.94
CA GLU B 406 -7.80 -19.26 -16.22
C GLU B 406 -8.31 -19.70 -17.58
N VAL B 407 -8.98 -18.82 -18.33
CA VAL B 407 -9.47 -19.18 -19.65
C VAL B 407 -8.31 -19.42 -20.61
N ARG B 408 -7.22 -18.65 -20.45
CA ARG B 408 -6.05 -18.84 -21.28
C ARG B 408 -5.46 -20.23 -21.15
N GLN B 409 -5.69 -20.90 -20.02
CA GLN B 409 -5.18 -22.25 -19.82
C GLN B 409 -5.93 -23.29 -20.64
N ILE B 410 -7.08 -22.95 -21.21
CA ILE B 410 -7.83 -23.87 -22.05
C ILE B 410 -7.29 -23.68 -23.47
N ALA B 411 -6.17 -24.34 -23.74
CA ALA B 411 -5.48 -24.29 -25.01
C ALA B 411 -4.40 -25.35 -25.01
N PRO B 412 -4.09 -25.96 -26.16
CA PRO B 412 -3.05 -26.99 -26.17
C PRO B 412 -1.69 -26.44 -25.76
N GLY B 413 -0.96 -27.23 -24.98
CA GLY B 413 0.37 -26.86 -24.57
C GLY B 413 0.47 -25.89 -23.42
N GLN B 414 -0.63 -25.62 -22.72
CA GLN B 414 -0.61 -24.65 -21.64
C GLN B 414 -0.45 -25.36 -20.29
N THR B 415 0.02 -24.59 -19.31
CA THR B 415 0.32 -25.12 -17.99
C THR B 415 -0.37 -24.28 -16.93
N GLY B 416 -0.59 -24.90 -15.77
CA GLY B 416 -1.33 -24.28 -14.70
C GLY B 416 -2.16 -25.32 -13.99
N LYS B 417 -2.79 -24.89 -12.89
CA LYS B 417 -3.56 -25.82 -12.07
C LYS B 417 -4.71 -26.45 -12.86
N ILE B 418 -5.45 -25.63 -13.61
CA ILE B 418 -6.57 -26.16 -14.38
C ILE B 418 -6.08 -27.07 -15.49
N ALA B 419 -5.02 -26.69 -16.19
CA ALA B 419 -4.49 -27.49 -17.29
C ALA B 419 -3.71 -28.69 -16.83
N ASP B 420 -3.37 -28.79 -15.55
CA ASP B 420 -2.60 -29.91 -15.03
C ASP B 420 -3.46 -30.92 -14.27
N TYR B 421 -4.27 -30.44 -13.33
CA TYR B 421 -5.00 -31.34 -12.44
C TYR B 421 -6.50 -31.42 -12.73
N ASN B 422 -7.05 -30.51 -13.53
CA ASN B 422 -8.49 -30.45 -13.74
C ASN B 422 -8.92 -30.77 -15.16
N TYR B 423 -8.41 -30.06 -16.15
CA TYR B 423 -8.84 -30.24 -17.54
C TYR B 423 -7.62 -30.10 -18.44
N LYS B 424 -7.24 -31.19 -19.09
CA LYS B 424 -6.07 -31.22 -19.97
C LYS B 424 -6.52 -31.50 -21.40
N LEU B 425 -5.96 -30.73 -22.35
CA LEU B 425 -6.25 -30.90 -23.76
C LEU B 425 -5.04 -31.48 -24.48
N PRO B 426 -5.26 -32.29 -25.52
CA PRO B 426 -4.13 -32.80 -26.29
C PRO B 426 -3.43 -31.67 -27.05
N ASP B 427 -2.14 -31.89 -27.32
CA ASP B 427 -1.39 -30.91 -28.11
C ASP B 427 -1.95 -30.81 -29.52
N ASP B 428 -2.31 -31.94 -30.13
CA ASP B 428 -2.93 -31.97 -31.45
C ASP B 428 -4.44 -32.06 -31.26
N PHE B 429 -5.05 -30.91 -30.96
CA PHE B 429 -6.46 -30.81 -30.65
C PHE B 429 -7.18 -30.06 -31.76
N THR B 430 -8.21 -30.68 -32.31
CA THR B 430 -9.08 -30.05 -33.30
C THR B 430 -10.42 -29.77 -32.66
N GLY B 431 -10.88 -28.54 -32.78
CA GLY B 431 -12.11 -28.13 -32.12
C GLY B 431 -12.10 -26.63 -31.85
N CYS B 432 -13.01 -26.23 -30.97
CA CYS B 432 -13.19 -24.82 -30.64
C CYS B 432 -13.47 -24.67 -29.15
N VAL B 433 -13.15 -23.49 -28.63
CA VAL B 433 -13.38 -23.14 -27.24
C VAL B 433 -14.17 -21.84 -27.19
N ILE B 434 -15.24 -21.82 -26.39
CA ILE B 434 -16.09 -20.65 -26.22
C ILE B 434 -16.18 -20.35 -24.73
N ALA B 435 -16.02 -19.10 -24.36
CA ALA B 435 -16.12 -18.73 -22.96
C ALA B 435 -16.77 -17.36 -22.83
N TRP B 436 -17.71 -17.25 -21.89
CA TRP B 436 -18.43 -15.99 -21.68
C TRP B 436 -18.67 -15.77 -20.20
N ASN B 437 -18.75 -14.49 -19.82
CA ASN B 437 -18.91 -14.11 -18.42
C ASN B 437 -20.30 -14.48 -17.92
N SER B 438 -20.36 -14.88 -16.66
CA SER B 438 -21.62 -15.26 -16.02
C SER B 438 -21.69 -14.71 -14.60
N ASN B 439 -21.28 -13.45 -14.44
CA ASN B 439 -21.31 -12.82 -13.12
C ASN B 439 -22.73 -12.68 -12.59
N ASN B 440 -23.67 -12.26 -13.43
CA ASN B 440 -25.04 -12.06 -12.98
C ASN B 440 -25.72 -13.38 -12.60
N LEU B 441 -25.36 -14.47 -13.27
CA LEU B 441 -25.98 -15.75 -12.93
C LEU B 441 -25.29 -16.46 -11.76
N ASP B 442 -23.96 -16.57 -11.78
CA ASP B 442 -23.24 -17.49 -10.92
C ASP B 442 -22.55 -16.82 -9.74
N SER B 443 -22.89 -15.58 -9.42
CA SER B 443 -22.33 -14.90 -8.26
C SER B 443 -23.46 -14.46 -7.33
N LYS B 444 -23.34 -14.82 -6.06
CA LYS B 444 -24.29 -14.43 -5.03
C LYS B 444 -23.65 -13.44 -4.08
N VAL B 445 -24.50 -12.73 -3.34
CA VAL B 445 -24.02 -11.61 -2.52
C VAL B 445 -23.08 -12.11 -1.44
N GLY B 446 -23.50 -13.14 -0.70
CA GLY B 446 -22.63 -13.70 0.33
C GLY B 446 -21.53 -14.59 -0.20
N GLY B 447 -21.75 -15.24 -1.34
CA GLY B 447 -20.72 -16.10 -1.90
C GLY B 447 -21.31 -17.39 -2.42
N ASN B 448 -20.96 -17.72 -3.67
CA ASN B 448 -21.36 -18.97 -4.29
C ASN B 448 -20.21 -19.95 -4.13
N TYR B 449 -20.37 -20.92 -3.21
CA TYR B 449 -19.34 -21.90 -2.92
C TYR B 449 -19.63 -23.25 -3.53
N ASN B 450 -20.55 -23.32 -4.49
CA ASN B 450 -20.90 -24.59 -5.12
C ASN B 450 -19.84 -25.07 -6.11
N TYR B 451 -19.09 -24.14 -6.71
CA TYR B 451 -18.11 -24.51 -7.72
C TYR B 451 -16.77 -24.86 -7.07
N LEU B 452 -16.22 -26.01 -7.45
CA LEU B 452 -15.03 -26.56 -6.83
C LEU B 452 -13.97 -26.82 -7.89
N TYR B 453 -12.71 -26.73 -7.47
CA TYR B 453 -11.58 -27.05 -8.33
C TYR B 453 -10.57 -27.87 -7.55
N ARG B 454 -9.90 -28.77 -8.26
CA ARG B 454 -8.89 -29.64 -7.66
C ARG B 454 -7.56 -28.90 -7.62
N LEU B 455 -6.93 -28.87 -6.44
CA LEU B 455 -5.74 -28.06 -6.22
C LEU B 455 -4.48 -28.92 -6.14
N PHE B 456 -4.55 -30.05 -5.47
CA PHE B 456 -3.42 -30.95 -5.30
C PHE B 456 -3.65 -32.26 -6.05
N ARG B 457 -2.58 -32.81 -6.62
CA ARG B 457 -2.61 -34.14 -7.20
C ARG B 457 -1.19 -34.68 -7.30
N LYS B 458 -1.09 -36.00 -7.38
CA LYS B 458 0.22 -36.65 -7.48
C LYS B 458 0.83 -36.49 -8.86
N SER B 459 0.03 -36.67 -9.91
CA SER B 459 0.54 -36.64 -11.27
C SER B 459 -0.38 -35.83 -12.17
N ASN B 460 0.18 -35.31 -13.25
CA ASN B 460 -0.59 -34.56 -14.22
C ASN B 460 -1.53 -35.49 -14.99
N LEU B 461 -2.68 -34.95 -15.36
CA LEU B 461 -3.68 -35.73 -16.07
C LEU B 461 -3.30 -35.95 -17.53
N LYS B 462 -3.63 -37.12 -18.04
CA LYS B 462 -3.62 -37.34 -19.47
C LYS B 462 -4.77 -36.58 -20.11
N PRO B 463 -4.68 -36.29 -21.41
CA PRO B 463 -5.74 -35.51 -22.07
C PRO B 463 -7.10 -36.18 -21.96
N PHE B 464 -8.13 -35.36 -21.75
CA PHE B 464 -9.52 -35.80 -21.72
C PHE B 464 -9.73 -36.90 -20.68
N GLU B 465 -9.14 -36.72 -19.51
CA GLU B 465 -9.28 -37.62 -18.38
C GLU B 465 -9.91 -36.88 -17.22
N ARG B 466 -10.83 -37.54 -16.52
CA ARG B 466 -11.58 -36.92 -15.43
C ARG B 466 -11.49 -37.78 -14.18
N ASP B 467 -11.23 -37.14 -13.04
CA ASP B 467 -11.23 -37.80 -11.75
C ASP B 467 -12.16 -37.04 -10.80
N ILE B 468 -13.00 -37.79 -10.09
CA ILE B 468 -13.92 -37.22 -9.12
C ILE B 468 -13.60 -37.71 -7.71
N SER B 469 -12.40 -38.25 -7.50
CA SER B 469 -12.03 -38.82 -6.22
C SER B 469 -11.80 -37.73 -5.19
N THR B 470 -11.89 -38.11 -3.92
CA THR B 470 -11.74 -37.19 -2.80
C THR B 470 -10.86 -37.75 -1.70
N GLU B 471 -9.85 -38.53 -2.04
CA GLU B 471 -8.89 -38.98 -1.05
C GLU B 471 -8.04 -37.80 -0.59
N ILE B 472 -7.61 -37.85 0.68
CA ILE B 472 -6.84 -36.76 1.25
C ILE B 472 -5.39 -36.90 0.83
N TYR B 473 -4.84 -35.83 0.26
CA TYR B 473 -3.50 -35.84 -0.29
C TYR B 473 -2.45 -36.02 0.80
N GLN B 474 -1.44 -36.83 0.51
CA GLN B 474 -0.32 -37.08 1.42
C GLN B 474 0.84 -36.19 0.97
N ALA B 475 1.13 -35.16 1.77
CA ALA B 475 2.12 -34.16 1.36
C ALA B 475 3.53 -34.72 1.41
N GLY B 476 3.95 -35.24 2.56
CA GLY B 476 5.31 -35.71 2.73
C GLY B 476 5.43 -37.21 2.80
N SER B 477 5.91 -37.72 3.93
CA SER B 477 6.07 -39.16 4.16
C SER B 477 5.59 -39.47 5.57
N THR B 478 4.30 -39.77 5.69
CA THR B 478 3.69 -40.17 6.95
C THR B 478 2.30 -40.70 6.64
N PRO B 479 1.82 -41.71 7.36
CA PRO B 479 0.49 -42.27 7.07
C PRO B 479 -0.59 -41.26 7.40
N CYS B 480 -1.38 -40.88 6.39
CA CYS B 480 -2.44 -39.91 6.60
C CYS B 480 -3.55 -40.51 7.47
N ASN B 481 -3.84 -41.80 7.29
CA ASN B 481 -4.81 -42.53 8.08
C ASN B 481 -6.18 -41.84 8.09
N GLY B 482 -6.69 -41.57 6.90
CA GLY B 482 -8.02 -41.02 6.78
C GLY B 482 -8.08 -39.52 7.00
N VAL B 483 -8.57 -39.12 8.18
CA VAL B 483 -8.81 -37.70 8.45
C VAL B 483 -7.52 -36.91 8.34
N GLU B 484 -7.62 -35.71 7.78
CA GLU B 484 -6.44 -34.88 7.55
C GLU B 484 -5.86 -34.38 8.86
N GLY B 485 -4.53 -34.26 8.90
CA GLY B 485 -3.83 -33.82 10.08
C GLY B 485 -2.77 -32.77 9.81
N LEU B 486 -1.54 -33.04 10.25
CA LEU B 486 -0.45 -32.09 10.11
C LEU B 486 -0.14 -31.79 8.65
N ASN B 487 0.32 -32.78 7.90
CA ASN B 487 0.55 -32.66 6.47
C ASN B 487 -0.42 -33.60 5.76
N CYS B 488 -1.65 -33.12 5.58
CA CYS B 488 -2.69 -33.85 4.88
C CYS B 488 -3.72 -32.82 4.42
N TYR B 489 -3.88 -32.67 3.12
CA TYR B 489 -4.72 -31.62 2.57
C TYR B 489 -5.86 -32.22 1.76
N PHE B 490 -7.07 -31.76 2.02
CA PHE B 490 -8.19 -32.10 1.17
C PHE B 490 -8.00 -31.46 -0.21
N PRO B 491 -8.13 -32.23 -1.29
CA PRO B 491 -7.68 -31.75 -2.60
C PRO B 491 -8.65 -30.83 -3.33
N LEU B 492 -9.91 -30.77 -2.96
CA LEU B 492 -10.92 -29.99 -3.69
C LEU B 492 -11.21 -28.72 -2.90
N GLN B 493 -10.87 -27.57 -3.47
CA GLN B 493 -11.15 -26.28 -2.87
C GLN B 493 -12.32 -25.61 -3.60
N SER B 494 -12.85 -24.56 -2.98
CA SER B 494 -14.09 -23.94 -3.42
C SER B 494 -13.83 -22.56 -4.00
N TYR B 495 -14.32 -22.34 -5.22
CA TYR B 495 -14.32 -21.00 -5.78
C TYR B 495 -15.25 -20.11 -4.96
N GLY B 496 -14.78 -18.91 -4.63
CA GLY B 496 -15.63 -17.94 -3.99
C GLY B 496 -16.02 -16.88 -5.00
N PHE B 497 -17.32 -16.68 -5.21
CA PHE B 497 -17.80 -15.71 -6.19
C PHE B 497 -18.71 -14.71 -5.51
N HIS B 498 -18.26 -13.45 -5.48
CA HIS B 498 -19.08 -12.32 -5.09
C HIS B 498 -19.26 -11.40 -6.29
N PRO B 499 -20.38 -10.68 -6.37
CA PRO B 499 -20.60 -9.82 -7.54
C PRO B 499 -19.66 -8.63 -7.61
N THR B 500 -18.86 -8.41 -6.58
CA THR B 500 -18.00 -7.25 -6.46
C THR B 500 -16.57 -7.55 -6.92
N TYR B 501 -16.28 -8.79 -7.26
CA TYR B 501 -14.95 -9.22 -7.64
C TYR B 501 -14.52 -8.56 -8.95
N GLY B 502 -13.22 -8.62 -9.23
CA GLY B 502 -12.68 -8.08 -10.46
C GLY B 502 -12.91 -9.02 -11.63
N VAL B 503 -12.63 -8.50 -12.82
CA VAL B 503 -12.92 -9.24 -14.06
C VAL B 503 -12.13 -10.54 -14.10
N GLY B 504 -10.89 -10.51 -13.60
CA GLY B 504 -10.08 -11.72 -13.58
C GLY B 504 -10.56 -12.77 -12.60
N TYR B 505 -11.41 -12.40 -11.65
CA TYR B 505 -11.90 -13.31 -10.62
C TYR B 505 -13.40 -13.57 -10.73
N GLN B 506 -14.07 -13.03 -11.75
CA GLN B 506 -15.49 -13.24 -11.97
C GLN B 506 -15.76 -14.57 -12.67
N PRO B 507 -16.92 -15.18 -12.42
CA PRO B 507 -17.20 -16.49 -13.02
C PRO B 507 -17.28 -16.43 -14.54
N TYR B 508 -16.80 -17.49 -15.16
CA TYR B 508 -16.78 -17.62 -16.62
C TYR B 508 -17.25 -19.02 -16.98
N ARG B 509 -18.26 -19.10 -17.85
CA ARG B 509 -18.77 -20.37 -18.33
C ARG B 509 -18.05 -20.73 -19.63
N VAL B 510 -17.56 -21.97 -19.70
CA VAL B 510 -16.72 -22.44 -20.80
C VAL B 510 -17.33 -23.69 -21.40
N VAL B 511 -17.44 -23.70 -22.74
CA VAL B 511 -17.88 -24.84 -23.51
C VAL B 511 -16.83 -25.14 -24.58
N VAL B 512 -16.38 -26.38 -24.63
CA VAL B 512 -15.36 -26.83 -25.57
C VAL B 512 -15.99 -27.86 -26.50
N LEU B 513 -15.94 -27.59 -27.80
CA LEU B 513 -16.44 -28.51 -28.81
C LEU B 513 -15.26 -29.25 -29.42
N SER B 514 -15.29 -30.57 -29.33
CA SER B 514 -14.23 -31.43 -29.85
C SER B 514 -14.75 -32.22 -31.03
N PHE B 515 -14.03 -32.16 -32.14
CA PHE B 515 -14.43 -32.80 -33.39
C PHE B 515 -13.63 -34.07 -33.60
N GLU B 516 -14.34 -35.18 -33.80
CA GLU B 516 -13.75 -36.50 -34.01
C GLU B 516 -14.03 -36.94 -35.44
N LEU B 517 -12.97 -37.27 -36.17
CA LEU B 517 -13.08 -37.52 -37.61
C LEU B 517 -12.38 -38.83 -37.93
N LEU B 518 -13.14 -39.91 -38.05
CA LEU B 518 -12.68 -41.21 -38.51
C LEU B 518 -13.56 -41.69 -39.66
N ASN B 519 -13.36 -42.95 -40.08
CA ASN B 519 -13.92 -43.45 -41.32
C ASN B 519 -15.32 -44.03 -41.18
N ALA B 520 -15.91 -43.98 -39.99
CA ALA B 520 -17.30 -44.36 -39.80
C ALA B 520 -18.18 -43.33 -40.50
N PRO B 521 -19.45 -43.67 -40.79
CA PRO B 521 -20.33 -42.71 -41.46
C PRO B 521 -20.53 -41.46 -40.61
N ALA B 522 -20.61 -40.32 -41.30
CA ALA B 522 -20.77 -39.03 -40.63
C ALA B 522 -22.14 -38.90 -39.98
N THR B 523 -22.20 -38.27 -38.80
CA THR B 523 -23.48 -38.03 -38.14
C THR B 523 -23.76 -36.57 -37.85
N VAL B 524 -22.80 -35.67 -38.05
CA VAL B 524 -23.00 -34.24 -37.82
C VAL B 524 -22.55 -33.50 -39.07
N CYS B 525 -23.45 -32.74 -39.67
CA CYS B 525 -23.15 -32.03 -40.91
C CYS B 525 -23.80 -30.66 -40.88
N GLY B 526 -23.27 -29.76 -41.71
CA GLY B 526 -23.85 -28.45 -41.89
C GLY B 526 -24.83 -28.46 -43.03
N PRO B 527 -25.70 -27.45 -43.09
CA PRO B 527 -26.69 -27.38 -44.17
C PRO B 527 -26.05 -26.97 -45.50
N LYS B 528 -25.54 -27.99 -46.19
CA LYS B 528 -24.88 -27.80 -47.48
C LYS B 528 -25.81 -27.15 -48.50
C1 NAG C . 0.01 16.24 -23.08
C2 NAG C . -0.10 17.75 -22.86
C3 NAG C . -1.50 18.24 -23.23
C4 NAG C . -1.86 17.81 -24.64
C5 NAG C . -1.68 16.30 -24.80
C6 NAG C . -1.88 15.83 -26.21
C7 NAG C . -0.42 17.72 -20.41
C8 NAG C . 0.10 18.23 -19.10
N2 NAG C . 0.24 18.12 -21.50
O3 NAG C . -1.56 19.65 -23.12
O4 NAG C . -3.21 18.15 -24.94
O5 NAG C . -0.34 15.92 -24.43
O6 NAG C . -2.73 16.71 -26.94
O7 NAG C . -1.40 16.97 -20.47
C1 NAG D . 11.55 -20.40 -7.00
C2 NAG D . 12.45 -20.53 -8.23
C3 NAG D . 11.81 -19.84 -9.42
C4 NAG D . 10.40 -20.36 -9.65
C5 NAG D . 9.58 -20.24 -8.37
C6 NAG D . 8.21 -20.85 -8.48
C7 NAG D . 14.91 -20.62 -8.24
C8 NAG D . 14.76 -21.99 -8.83
N2 NAG D . 13.77 -19.97 -7.96
O3 NAG D . 12.60 -20.07 -10.59
O4 NAG D . 9.76 -19.61 -10.68
O5 NAG D . 10.26 -20.92 -7.30
O6 NAG D . 7.97 -21.36 -9.79
O7 NAG D . 16.01 -20.13 -8.01
C1 NAG E . 8.29 -19.30 18.39
C2 NAG E . 9.76 -19.42 17.97
C3 NAG E . 10.18 -20.88 17.91
C4 NAG E . 9.86 -21.58 19.23
C5 NAG E . 8.40 -21.38 19.59
C6 NAG E . 8.05 -21.93 20.96
C7 NAG E . 10.91 -17.81 16.52
C8 NAG E . 11.02 -17.26 15.13
N2 NAG E . 10.00 -18.78 16.69
O3 NAG E . 11.58 -20.97 17.64
O4 NAG E . 10.13 -22.97 19.13
O5 NAG E . 8.10 -19.98 19.63
O6 NAG E . 7.05 -21.13 21.60
O7 NAG E . 11.60 -17.38 17.44
C1 NAG F . -26.04 1.70 5.75
C2 NAG F . -27.38 0.96 5.75
C3 NAG F . -27.51 0.08 4.51
C4 NAG F . -27.26 0.89 3.25
C5 NAG F . -25.91 1.59 3.35
C6 NAG F . -25.61 2.48 2.17
C7 NAG F . -28.72 -0.20 7.44
C8 NAG F . -28.69 -1.00 8.71
N2 NAG F . -27.54 0.17 6.96
O3 NAG F . -28.83 -0.47 4.47
O4 NAG F . -27.26 0.04 2.12
O5 NAG F . -25.88 2.41 4.52
O6 NAG F . -24.39 3.18 2.34
O7 NAG F . -29.78 0.12 6.91
C1 NAG G . -9.22 3.66 -20.18
C2 NAG G . -10.22 4.44 -21.03
C3 NAG G . -10.19 3.96 -22.46
C4 NAG G . -8.77 3.98 -23.01
C5 NAG G . -7.85 3.20 -22.08
C6 NAG G . -6.40 3.27 -22.50
C7 NAG G . -12.26 5.38 -20.02
C8 NAG G . -11.58 6.72 -20.10
N2 NAG G . -11.57 4.33 -20.48
O3 NAG G . -11.02 4.81 -23.26
O4 NAG G . -8.73 3.39 -24.30
O5 NAG G . -7.92 3.75 -20.76
O6 NAG G . -5.97 4.61 -22.68
O7 NAG G . -13.39 5.25 -19.56
C1 NAG H . 13.52 38.65 -9.75
C2 NAG H . 14.56 39.00 -8.69
C3 NAG H . 14.88 40.49 -8.74
C4 NAG H . 15.29 40.90 -10.15
C5 NAG H . 14.21 40.48 -11.15
C6 NAG H . 14.59 40.75 -12.58
C7 NAG H . 14.67 37.63 -6.66
C8 NAG H . 15.83 36.92 -7.30
N2 NAG H . 14.10 38.61 -7.37
O3 NAG H . 15.94 40.77 -7.83
O4 NAG H . 15.46 42.31 -10.21
O5 NAG H . 13.98 39.07 -11.05
O6 NAG H . 15.03 39.57 -13.24
O7 NAG H . 14.26 37.33 -5.54
ZN ZN I . 0.76 8.37 0.63
C1 NAG J . -29.88 -18.58 -25.92
C2 NAG J . -29.77 -18.99 -27.39
C3 NAG J . -29.65 -17.76 -28.28
C4 NAG J . -30.80 -16.79 -28.00
C5 NAG J . -30.82 -16.45 -26.51
C6 NAG J . -32.00 -15.58 -26.13
C7 NAG J . -28.62 -20.80 -28.58
C8 NAG J . -27.38 -21.63 -28.66
N2 NAG J . -28.66 -19.89 -27.60
O3 NAG J . -29.69 -18.15 -29.64
O4 NAG J . -30.61 -15.58 -28.75
O5 NAG J . -30.95 -17.66 -25.75
O6 NAG J . -32.65 -16.07 -24.97
O7 NAG J . -29.54 -20.93 -29.37
#